data_7MMO
#
_entry.id   7MMO
#
_cell.length_a   73.094
_cell.length_b   107.692
_cell.length_c   190.472
_cell.angle_alpha   90.000
_cell.angle_beta   90.000
_cell.angle_gamma   90.000
#
_symmetry.space_group_name_H-M   'P 21 21 21'
#
loop_
_entity.id
_entity.type
_entity.pdbx_description
1 polymer 'LY-CoV1404 Fab heavy chain'
2 polymer 'LY-CoV1404 Fab light chain'
3 polymer 'Spike protein S1'
4 non-polymer 2-acetamido-2-deoxy-beta-D-glucopyranose
5 water water
#
loop_
_entity_poly.entity_id
_entity_poly.type
_entity_poly.pdbx_seq_one_letter_code
_entity_poly.pdbx_strand_id
1 'polypeptide(L)'
;(PCA)ITLKESGPTLVKPTQTLTLTCTFSGFSLSISGVGVGWLRQPPGKALEWLALIYWDDDKRYSPSLKSRLTISKDTS
KNQVVLKMTNIDPVDTATYYCAHHSISTIFDHWGQGTLVTVSSASTKGPSVFPLAPCSRSTSESTAALGCLVKDYFPEPV
TVSWNSGALTSGVHTFPAVLQSSGLYSLSSVVTVPSSSLGTKTYTCNVDHKPSNTKVDKRVHHHHHH
;
A,D
2 'polypeptide(L)'
;QSALTQPASVSGSPGQSITISCTATSSDVGDYNYVSWYQQHPGKAPKLMIFEVSDRPSGISNRFSGSKSGNTASLTISGL
QAEDEADYYCSSYTTSSAVFGGGTKLTVLGRTVAAPSVFIFPPSDEQLKSGTASVVCLLNNFYPREAKVQWKVDNALQSG
NSQESVTEQDSKDSTYSLSSTLTLSKADYEKHKVYACEVTQGTTSVTKSFNRGEC
;
B,E
3 'polypeptide(L)'
;FPNITNLCPFGEVFNATRFASVYAWNRKRISNCVADYSVLYNSASFSTFKCYGVSPTKLNDLCFTNVYADSFVIRGDEVR
QIAPGQTGKIADYNYKLPDDFTGCVIAWNSNNLDSKVGGNYNYLYRLFRKSNLKPFERDISTEIYQAGSTPCNGVEGFNC
YFPLQSYGFQPTNGVGYQPYRVVVLSFELLHAPATVCGPHHHHHH
;
C,F
#
loop_
_chem_comp.id
_chem_comp.type
_chem_comp.name
_chem_comp.formula
NAG D-saccharide, beta linking 2-acetamido-2-deoxy-beta-D-glucopyranose 'C8 H15 N O6'
#
# COMPACT_ATOMS: atom_id res chain seq x y z
N PCA A 1 20.12 -30.91 -16.38
CA PCA A 1 20.22 -29.79 -15.43
CB PCA A 1 21.56 -30.05 -14.68
CG PCA A 1 22.39 -30.78 -15.77
CD PCA A 1 21.39 -31.29 -16.80
OE PCA A 1 21.72 -31.92 -17.84
C PCA A 1 20.22 -28.44 -16.15
O PCA A 1 20.66 -28.36 -17.31
N ILE A 2 19.69 -27.39 -15.51
CA ILE A 2 19.64 -26.07 -16.14
C ILE A 2 21.03 -25.48 -16.13
N THR A 3 21.60 -25.25 -17.31
CA THR A 3 22.93 -24.69 -17.44
C THR A 3 22.91 -23.53 -18.41
N LEU A 4 23.72 -22.50 -18.14
CA LEU A 4 23.85 -21.31 -18.96
C LEU A 4 25.33 -20.96 -19.11
N LYS A 5 25.75 -20.58 -20.32
CA LYS A 5 27.16 -20.26 -20.56
C LYS A 5 27.36 -19.05 -21.44
N GLU A 6 28.14 -18.09 -20.95
CA GLU A 6 28.47 -16.86 -21.66
C GLU A 6 29.67 -17.06 -22.59
N SER A 7 29.65 -16.37 -23.71
CA SER A 7 30.74 -16.39 -24.68
C SER A 7 30.81 -15.04 -25.39
N GLY A 8 31.99 -14.67 -25.84
CA GLY A 8 32.21 -13.39 -26.49
C GLY A 8 33.63 -12.88 -26.33
N PRO A 9 33.88 -11.68 -26.84
CA PRO A 9 35.23 -11.12 -26.76
C PRO A 9 35.65 -10.76 -25.34
N THR A 10 36.91 -10.99 -25.01
CA THR A 10 37.47 -10.63 -23.72
C THR A 10 37.95 -9.16 -23.71
N LEU A 11 38.21 -8.55 -24.88
CA LEU A 11 38.69 -7.18 -24.95
C LEU A 11 37.95 -6.38 -26.02
N VAL A 12 37.42 -5.22 -25.64
CA VAL A 12 36.70 -4.32 -26.54
C VAL A 12 37.18 -2.88 -26.30
N LYS A 13 37.23 -2.07 -27.36
CA LYS A 13 37.69 -0.69 -27.24
C LYS A 13 36.51 0.22 -27.02
N PRO A 14 36.69 1.37 -26.34
CA PRO A 14 35.56 2.31 -26.17
C PRO A 14 34.92 2.72 -27.49
N THR A 15 33.61 3.08 -27.46
CA THR A 15 32.73 3.43 -28.59
C THR A 15 32.26 2.18 -29.38
N GLN A 16 32.98 1.06 -29.28
CA GLN A 16 32.60 -0.17 -29.98
C GLN A 16 31.37 -0.83 -29.36
N THR A 17 30.85 -1.87 -30.03
CA THR A 17 29.69 -2.60 -29.58
C THR A 17 30.12 -3.96 -29.05
N LEU A 18 29.69 -4.28 -27.83
CA LEU A 18 30.02 -5.56 -27.22
C LEU A 18 28.88 -6.53 -27.47
N THR A 19 29.17 -7.68 -28.06
CA THR A 19 28.15 -8.70 -28.31
C THR A 19 28.45 -9.94 -27.50
N LEU A 20 27.53 -10.29 -26.59
CA LEU A 20 27.69 -11.47 -25.76
C LEU A 20 26.59 -12.47 -26.05
N THR A 21 26.92 -13.74 -26.00
CA THR A 21 25.93 -14.79 -26.27
C THR A 21 25.81 -15.68 -25.08
N CYS A 22 24.61 -16.17 -24.81
CA CYS A 22 24.33 -17.07 -23.70
C CYS A 22 23.81 -18.34 -24.31
N THR A 23 24.51 -19.44 -24.13
CA THR A 23 24.08 -20.72 -24.66
C THR A 23 23.56 -21.51 -23.49
N PHE A 24 22.27 -21.82 -23.52
CA PHE A 24 21.64 -22.53 -22.42
C PHE A 24 21.18 -23.93 -22.82
N SER A 25 20.92 -24.76 -21.79
CA SER A 25 20.41 -26.12 -21.96
C SER A 25 19.74 -26.59 -20.66
N GLY A 26 18.91 -27.61 -20.75
CA GLY A 26 18.21 -28.14 -19.58
C GLY A 26 16.82 -27.59 -19.36
N PHE A 27 16.40 -26.64 -20.21
CA PHE A 27 15.09 -26.01 -20.12
C PHE A 27 14.71 -25.39 -21.46
N SER A 28 13.42 -25.07 -21.63
CA SER A 28 12.92 -24.44 -22.83
C SER A 28 12.56 -22.98 -22.57
N LEU A 29 12.94 -22.07 -23.47
CA LEU A 29 12.58 -20.66 -23.36
C LEU A 29 11.29 -20.43 -24.19
N SER A 30 10.34 -21.33 -24.04
CA SER A 30 9.03 -21.32 -24.72
C SER A 30 7.91 -21.45 -23.68
N ILE A 31 8.17 -22.23 -22.60
CA ILE A 31 7.28 -22.47 -21.47
C ILE A 31 7.00 -21.14 -20.78
N SER A 32 5.74 -20.90 -20.41
CA SER A 32 5.28 -19.68 -19.75
C SER A 32 5.95 -19.49 -18.39
N GLY A 33 6.21 -18.24 -18.03
CA GLY A 33 6.85 -17.88 -16.78
C GLY A 33 8.37 -18.04 -16.76
N VAL A 34 8.98 -18.29 -17.91
CA VAL A 34 10.42 -18.48 -18.01
C VAL A 34 11.06 -17.29 -18.74
N GLY A 35 12.27 -16.95 -18.34
CA GLY A 35 13.05 -15.88 -18.94
C GLY A 35 14.54 -16.11 -18.82
N VAL A 36 15.34 -15.30 -19.51
CA VAL A 36 16.79 -15.36 -19.39
C VAL A 36 17.30 -13.92 -19.21
N GLY A 37 18.11 -13.70 -18.17
CA GLY A 37 18.63 -12.37 -17.91
C GLY A 37 20.11 -12.20 -18.12
N TRP A 38 20.51 -10.97 -18.35
CA TRP A 38 21.91 -10.58 -18.48
C TRP A 38 22.19 -9.60 -17.38
N LEU A 39 23.22 -9.90 -16.62
CA LEU A 39 23.66 -9.08 -15.51
C LEU A 39 25.18 -8.87 -15.62
N ARG A 40 25.75 -7.99 -14.80
CA ARG A 40 27.18 -7.77 -14.76
C ARG A 40 27.69 -7.41 -13.36
N GLN A 41 28.99 -7.58 -13.15
CA GLN A 41 29.61 -7.24 -11.89
C GLN A 41 30.98 -6.63 -12.14
N PRO A 42 31.10 -5.30 -12.02
CA PRO A 42 32.42 -4.66 -12.14
C PRO A 42 33.31 -5.17 -11.00
N PRO A 43 34.62 -5.30 -11.25
CA PRO A 43 35.51 -5.87 -10.21
C PRO A 43 35.43 -5.13 -8.88
N GLY A 44 35.16 -5.88 -7.81
CA GLY A 44 35.00 -5.36 -6.46
C GLY A 44 33.71 -4.59 -6.24
N LYS A 45 32.78 -4.60 -7.21
CA LYS A 45 31.52 -3.86 -7.08
C LYS A 45 30.31 -4.80 -6.96
N ALA A 46 29.11 -4.23 -6.85
CA ALA A 46 27.88 -5.01 -6.70
C ALA A 46 27.32 -5.54 -8.01
N LEU A 47 26.50 -6.61 -7.93
CA LEU A 47 25.79 -7.17 -9.06
C LEU A 47 24.80 -6.12 -9.60
N GLU A 48 24.59 -6.12 -10.91
CA GLU A 48 23.70 -5.15 -11.55
C GLU A 48 23.00 -5.82 -12.72
N TRP A 49 21.69 -5.68 -12.81
CA TRP A 49 20.91 -6.27 -13.87
C TRP A 49 20.89 -5.33 -15.07
N LEU A 50 21.05 -5.90 -16.26
CA LEU A 50 21.07 -5.14 -17.50
C LEU A 50 19.81 -5.35 -18.35
N ALA A 51 19.49 -6.62 -18.69
CA ALA A 51 18.40 -6.93 -19.58
C ALA A 51 17.77 -8.30 -19.25
N LEU A 52 16.57 -8.55 -19.77
CA LEU A 52 15.83 -9.78 -19.54
C LEU A 52 14.89 -10.01 -20.74
N ILE A 53 14.74 -11.26 -21.17
CA ILE A 53 13.85 -11.61 -22.27
C ILE A 53 12.96 -12.77 -21.82
N TYR A 54 11.64 -12.67 -22.06
CA TYR A 54 10.72 -13.74 -21.63
C TYR A 54 10.42 -14.76 -22.76
N TRP A 55 9.79 -15.89 -22.40
CA TRP A 55 9.38 -16.95 -23.32
C TRP A 55 8.58 -16.41 -24.53
N ASP A 56 7.82 -15.32 -24.32
CA ASP A 56 6.98 -14.71 -25.33
C ASP A 56 7.63 -13.57 -26.10
N ASP A 57 8.96 -13.37 -25.94
CA ASP A 57 9.77 -12.33 -26.59
C ASP A 57 9.56 -10.92 -26.02
N ASP A 58 8.94 -10.81 -24.84
CA ASP A 58 8.77 -9.51 -24.18
C ASP A 58 10.13 -9.15 -23.54
N LYS A 59 10.67 -7.96 -23.85
CA LYS A 59 12.01 -7.54 -23.39
C LYS A 59 12.00 -6.45 -22.35
N ARG A 60 12.84 -6.61 -21.32
CA ARG A 60 12.97 -5.63 -20.25
C ARG A 60 14.42 -5.21 -20.10
N TYR A 61 14.64 -3.91 -19.86
CA TYR A 61 15.96 -3.34 -19.76
C TYR A 61 16.08 -2.44 -18.55
N SER A 62 17.34 -2.23 -18.10
CA SER A 62 17.69 -1.28 -17.04
C SER A 62 17.35 0.10 -17.62
N PRO A 63 16.47 0.87 -16.99
CA PRO A 63 16.09 2.19 -17.56
C PRO A 63 17.27 3.12 -17.85
N SER A 64 18.32 3.10 -17.02
CA SER A 64 19.49 3.96 -17.24
C SER A 64 20.41 3.49 -18.39
N LEU A 65 20.26 2.24 -18.86
CA LEU A 65 21.09 1.73 -19.96
C LEU A 65 20.29 1.25 -21.17
N LYS A 66 18.95 1.42 -21.15
CA LYS A 66 18.04 0.97 -22.20
C LYS A 66 18.44 1.42 -23.62
N SER A 67 18.87 2.69 -23.77
CA SER A 67 19.28 3.23 -25.08
C SER A 67 20.46 2.50 -25.71
N ARG A 68 21.31 1.85 -24.88
CA ARG A 68 22.46 1.10 -25.39
C ARG A 68 22.31 -0.40 -25.34
N LEU A 69 21.20 -0.93 -24.83
CA LEU A 69 21.04 -2.38 -24.72
C LEU A 69 20.01 -2.95 -25.68
N THR A 70 20.31 -4.13 -26.23
CA THR A 70 19.42 -4.84 -27.15
C THR A 70 19.52 -6.34 -26.90
N ILE A 71 18.45 -6.95 -26.39
CA ILE A 71 18.42 -8.39 -26.11
C ILE A 71 17.59 -9.12 -27.18
N SER A 72 17.93 -10.37 -27.45
CA SER A 72 17.25 -11.18 -28.46
C SER A 72 17.45 -12.67 -28.13
N LYS A 73 16.56 -13.52 -28.66
CA LYS A 73 16.66 -14.95 -28.44
C LYS A 73 16.58 -15.72 -29.76
N ASP A 74 17.15 -16.91 -29.77
CA ASP A 74 17.08 -17.78 -30.93
C ASP A 74 16.70 -19.13 -30.37
N THR A 75 15.39 -19.42 -30.37
CA THR A 75 14.82 -20.64 -29.80
C THR A 75 15.47 -21.91 -30.35
N SER A 76 15.81 -21.91 -31.65
CA SER A 76 16.43 -23.05 -32.32
C SER A 76 17.87 -23.31 -31.87
N LYS A 77 18.66 -22.23 -31.73
CA LYS A 77 20.06 -22.34 -31.33
C LYS A 77 20.30 -22.37 -29.82
N ASN A 78 19.24 -22.12 -29.00
CA ASN A 78 19.35 -22.05 -27.54
C ASN A 78 20.30 -20.94 -27.11
N GLN A 79 20.18 -19.79 -27.78
CA GLN A 79 21.03 -18.65 -27.50
C GLN A 79 20.23 -17.42 -27.16
N VAL A 80 20.79 -16.58 -26.29
CA VAL A 80 20.23 -15.30 -25.90
C VAL A 80 21.38 -14.34 -26.07
N VAL A 81 21.22 -13.36 -26.95
CA VAL A 81 22.29 -12.44 -27.27
C VAL A 81 22.03 -11.08 -26.70
N LEU A 82 23.06 -10.46 -26.12
CA LEU A 82 22.98 -9.10 -25.62
C LEU A 82 23.97 -8.26 -26.40
N LYS A 83 23.52 -7.11 -26.91
CA LYS A 83 24.38 -6.19 -27.63
C LYS A 83 24.43 -4.89 -26.84
N MET A 84 25.61 -4.37 -26.59
CA MET A 84 25.78 -3.13 -25.84
C MET A 84 26.58 -2.14 -26.67
N THR A 85 25.92 -1.09 -27.17
CA THR A 85 26.54 -0.09 -28.00
C THR A 85 27.28 0.97 -27.18
N ASN A 86 28.19 1.72 -27.84
CA ASN A 86 28.98 2.80 -27.25
C ASN A 86 29.61 2.41 -25.92
N ILE A 87 30.37 1.32 -25.93
CA ILE A 87 31.01 0.81 -24.74
C ILE A 87 32.00 1.87 -24.14
N ASP A 88 32.12 1.86 -22.83
CA ASP A 88 32.91 2.84 -22.10
C ASP A 88 33.82 2.12 -21.07
N PRO A 89 34.95 2.72 -20.61
CA PRO A 89 35.80 2.03 -19.62
C PRO A 89 35.06 1.50 -18.38
N VAL A 90 34.00 2.19 -17.92
CA VAL A 90 33.22 1.73 -16.77
C VAL A 90 32.40 0.44 -17.05
N ASP A 91 32.40 -0.03 -18.30
CA ASP A 91 31.73 -1.26 -18.66
C ASP A 91 32.60 -2.51 -18.49
N THR A 92 33.86 -2.35 -18.00
CA THR A 92 34.74 -3.48 -17.69
C THR A 92 34.08 -4.19 -16.48
N ALA A 93 33.69 -5.46 -16.66
CA ALA A 93 32.96 -6.22 -15.64
C ALA A 93 32.89 -7.70 -16.03
N THR A 94 32.52 -8.59 -15.08
CA THR A 94 32.22 -9.97 -15.41
C THR A 94 30.74 -9.98 -15.82
N TYR A 95 30.44 -10.47 -17.01
CA TYR A 95 29.07 -10.50 -17.51
C TYR A 95 28.48 -11.85 -17.27
N TYR A 96 27.30 -11.89 -16.68
CA TYR A 96 26.62 -13.13 -16.35
C TYR A 96 25.30 -13.27 -17.05
N CYS A 97 24.91 -14.50 -17.39
CA CYS A 97 23.58 -14.78 -17.89
C CYS A 97 22.94 -15.80 -16.94
N ALA A 98 21.64 -15.62 -16.64
CA ALA A 98 20.98 -16.47 -15.66
C ALA A 98 19.54 -16.80 -16.01
N HIS A 99 19.04 -17.90 -15.46
CA HIS A 99 17.66 -18.34 -15.64
C HIS A 99 16.76 -17.45 -14.77
N HIS A 100 15.65 -16.95 -15.33
CA HIS A 100 14.71 -16.12 -14.60
C HIS A 100 13.34 -16.75 -14.45
N SER A 101 12.78 -16.62 -13.25
CA SER A 101 11.40 -16.91 -12.86
C SER A 101 11.06 -15.77 -11.87
N ILE A 102 9.81 -15.30 -11.84
CA ILE A 102 9.38 -14.22 -10.95
C ILE A 102 9.71 -14.53 -9.49
N SER A 103 9.42 -15.77 -9.09
CA SER A 103 9.62 -16.31 -7.76
C SER A 103 11.08 -16.26 -7.23
N THR A 104 12.06 -16.66 -8.06
CA THR A 104 13.47 -16.72 -7.66
C THR A 104 14.27 -15.48 -8.06
N ILE A 105 13.73 -14.65 -8.99
CA ILE A 105 14.40 -13.51 -9.62
C ILE A 105 15.45 -14.08 -10.60
N PHE A 106 16.54 -14.69 -10.11
CA PHE A 106 17.56 -15.31 -10.96
C PHE A 106 18.12 -16.51 -10.24
N ASP A 107 18.23 -17.62 -10.94
CA ASP A 107 18.82 -18.84 -10.41
C ASP A 107 19.72 -19.46 -11.49
N HIS A 108 20.52 -20.47 -11.15
CA HIS A 108 21.39 -21.14 -12.13
C HIS A 108 22.24 -20.18 -12.98
N TRP A 109 22.98 -19.30 -12.33
CA TRP A 109 23.83 -18.33 -13.03
C TRP A 109 24.95 -19.02 -13.80
N GLY A 110 25.40 -18.40 -14.89
CA GLY A 110 26.56 -18.91 -15.61
C GLY A 110 27.85 -18.58 -14.86
N GLN A 111 28.99 -19.14 -15.28
CA GLN A 111 30.30 -18.89 -14.65
C GLN A 111 30.77 -17.43 -14.80
N GLY A 112 30.34 -16.77 -15.86
CA GLY A 112 30.69 -15.38 -16.12
C GLY A 112 31.80 -15.24 -17.13
N THR A 113 31.90 -14.06 -17.73
CA THR A 113 32.96 -13.77 -18.68
C THR A 113 33.48 -12.37 -18.41
N LEU A 114 34.74 -12.26 -17.98
CA LEU A 114 35.32 -10.96 -17.70
C LEU A 114 35.56 -10.26 -19.01
N VAL A 115 34.98 -9.09 -19.18
CA VAL A 115 35.15 -8.31 -20.39
C VAL A 115 35.93 -7.06 -19.99
N THR A 116 37.06 -6.83 -20.65
CA THR A 116 37.90 -5.67 -20.39
C THR A 116 37.67 -4.63 -21.46
N VAL A 117 37.49 -3.38 -21.05
CA VAL A 117 37.30 -2.29 -22.00
C VAL A 117 38.50 -1.39 -21.92
N SER A 118 39.25 -1.32 -23.02
CA SER A 118 40.46 -0.52 -23.08
C SER A 118 40.81 -0.11 -24.52
N SER A 119 41.26 1.13 -24.71
CA SER A 119 41.74 1.58 -26.03
C SER A 119 43.25 1.31 -26.22
N ALA A 120 43.96 0.99 -25.12
CA ALA A 120 45.40 0.79 -25.09
C ALA A 120 45.95 -0.30 -26.00
N SER A 121 47.10 0.01 -26.58
CA SER A 121 47.87 -0.95 -27.36
C SER A 121 49.02 -1.43 -26.44
N THR A 122 49.77 -2.46 -26.84
CA THR A 122 50.85 -2.99 -26.04
C THR A 122 51.85 -1.89 -25.56
N LYS A 123 52.04 -1.83 -24.24
CA LYS A 123 52.90 -0.86 -23.60
C LYS A 123 53.62 -1.50 -22.40
N GLY A 124 54.93 -1.33 -22.36
CA GLY A 124 55.73 -1.80 -21.24
C GLY A 124 55.55 -0.88 -20.05
N PRO A 125 55.85 -1.36 -18.85
CA PRO A 125 55.63 -0.55 -17.65
C PRO A 125 56.69 0.48 -17.30
N SER A 126 56.28 1.48 -16.53
CA SER A 126 57.16 2.46 -15.92
C SER A 126 57.33 1.96 -14.46
N VAL A 127 58.56 1.93 -13.95
CA VAL A 127 58.80 1.44 -12.60
C VAL A 127 59.33 2.56 -11.74
N PHE A 128 58.57 2.90 -10.69
CA PHE A 128 58.94 3.98 -9.79
C PHE A 128 59.25 3.43 -8.42
N PRO A 129 60.19 4.04 -7.69
CA PRO A 129 60.47 3.55 -6.34
C PRO A 129 59.41 3.92 -5.30
N LEU A 130 59.22 3.03 -4.33
CA LEU A 130 58.38 3.24 -3.15
C LEU A 130 59.35 3.23 -1.95
N ALA A 131 59.66 4.41 -1.44
CA ALA A 131 60.56 4.58 -0.31
C ALA A 131 59.97 5.60 0.66
N PRO A 132 60.20 5.43 1.96
CA PRO A 132 59.69 6.41 2.93
C PRO A 132 60.40 7.77 2.82
N CYS A 133 59.87 8.80 3.50
CA CYS A 133 60.46 10.13 3.46
C CYS A 133 61.84 10.22 4.10
N THR A 141 62.88 -1.90 11.25
CA THR A 141 62.02 -2.48 10.20
C THR A 141 61.39 -1.42 9.26
N ALA A 142 61.91 -1.36 8.04
CA ALA A 142 61.46 -0.47 6.99
C ALA A 142 60.67 -1.28 5.90
N ALA A 143 59.95 -0.56 5.04
CA ALA A 143 59.23 -1.17 3.93
C ALA A 143 59.68 -0.44 2.69
N LEU A 144 59.99 -1.20 1.66
CA LEU A 144 60.40 -0.64 0.38
C LEU A 144 59.52 -1.29 -0.72
N GLY A 145 59.56 -0.73 -1.92
CA GLY A 145 58.82 -1.32 -3.03
C GLY A 145 58.98 -0.64 -4.37
N CYS A 146 58.18 -1.07 -5.34
CA CYS A 146 58.14 -0.52 -6.70
CA CYS A 146 58.14 -0.40 -6.62
C CYS A 146 56.73 -0.38 -7.18
N LEU A 147 56.39 0.76 -7.75
CA LEU A 147 55.10 1.02 -8.36
C LEU A 147 55.32 0.72 -9.86
N VAL A 148 54.63 -0.31 -10.36
CA VAL A 148 54.68 -0.77 -11.74
C VAL A 148 53.45 -0.19 -12.41
N LYS A 149 53.63 0.95 -13.08
CA LYS A 149 52.56 1.72 -13.66
C LYS A 149 52.48 1.73 -15.18
N ASP A 150 51.24 1.84 -15.67
CA ASP A 150 50.86 2.05 -17.06
C ASP A 150 51.37 1.04 -18.09
N TYR A 151 50.96 -0.23 -17.94
CA TYR A 151 51.33 -1.28 -18.86
C TYR A 151 50.12 -1.97 -19.45
N PHE A 152 50.29 -2.57 -20.62
CA PHE A 152 49.22 -3.25 -21.30
C PHE A 152 49.79 -4.25 -22.28
N PRO A 153 49.24 -5.47 -22.36
CA PRO A 153 48.17 -6.02 -21.50
C PRO A 153 48.79 -6.68 -20.25
N GLU A 154 47.99 -7.48 -19.53
CA GLU A 154 48.49 -8.27 -18.44
C GLU A 154 49.20 -9.48 -19.07
N PRO A 155 50.19 -10.06 -18.38
CA PRO A 155 50.64 -9.75 -17.03
C PRO A 155 52.09 -9.22 -16.94
N VAL A 156 52.47 -8.80 -15.73
CA VAL A 156 53.84 -8.51 -15.39
C VAL A 156 54.19 -9.47 -14.29
N THR A 157 55.46 -9.86 -14.19
CA THR A 157 55.94 -10.63 -13.05
C THR A 157 56.93 -9.74 -12.30
N VAL A 158 56.94 -9.83 -10.96
CA VAL A 158 57.85 -9.05 -10.16
C VAL A 158 58.64 -9.97 -9.27
N SER A 159 59.95 -9.75 -9.19
CA SER A 159 60.80 -10.48 -8.27
C SER A 159 61.74 -9.46 -7.61
N TRP A 160 62.44 -9.88 -6.56
CA TRP A 160 63.33 -9.01 -5.85
C TRP A 160 64.69 -9.67 -5.78
N ASN A 161 65.75 -8.90 -6.04
CA ASN A 161 67.13 -9.40 -6.03
C ASN A 161 67.29 -10.70 -6.82
N SER A 162 66.71 -10.71 -8.04
CA SER A 162 66.71 -11.79 -9.01
C SER A 162 66.12 -13.11 -8.50
N GLY A 163 65.25 -13.02 -7.51
CA GLY A 163 64.59 -14.20 -6.95
C GLY A 163 65.12 -14.63 -5.59
N ALA A 164 66.23 -14.03 -5.14
CA ALA A 164 66.81 -14.38 -3.85
C ALA A 164 66.05 -13.77 -2.66
N LEU A 165 65.17 -12.80 -2.89
CA LEU A 165 64.39 -12.19 -1.84
C LEU A 165 62.93 -12.49 -2.08
N THR A 166 62.41 -13.45 -1.30
CA THR A 166 61.04 -13.93 -1.34
C THR A 166 60.29 -13.70 -0.02
N SER A 167 61.02 -13.67 1.09
CA SER A 167 60.46 -13.49 2.42
C SER A 167 60.00 -12.06 2.64
N GLY A 168 58.74 -11.93 3.02
CA GLY A 168 58.14 -10.63 3.27
C GLY A 168 57.80 -9.84 2.02
N VAL A 169 57.61 -10.51 0.88
CA VAL A 169 57.27 -9.83 -0.37
C VAL A 169 55.76 -9.90 -0.65
N HIS A 170 55.15 -8.75 -0.90
CA HIS A 170 53.75 -8.69 -1.26
C HIS A 170 53.62 -8.03 -2.62
N THR A 171 53.22 -8.78 -3.63
CA THR A 171 52.99 -8.25 -4.96
C THR A 171 51.50 -8.23 -5.15
N PHE A 172 50.94 -7.02 -5.14
CA PHE A 172 49.50 -6.83 -5.25
C PHE A 172 48.99 -7.18 -6.64
N PRO A 173 47.72 -7.63 -6.77
CA PRO A 173 47.18 -7.86 -8.12
C PRO A 173 47.03 -6.54 -8.89
N ALA A 174 46.94 -6.63 -10.21
CA ALA A 174 46.80 -5.47 -11.06
C ALA A 174 45.42 -4.87 -11.01
N VAL A 175 45.34 -3.56 -11.22
CA VAL A 175 44.09 -2.85 -11.37
C VAL A 175 44.15 -2.06 -12.68
N LEU A 176 43.07 -2.11 -13.43
CA LEU A 176 42.89 -1.39 -14.66
C LEU A 176 42.48 0.00 -14.30
N GLN A 177 43.33 0.98 -14.60
CA GLN A 177 43.06 2.38 -14.31
C GLN A 177 42.07 2.97 -15.33
N SER A 178 41.53 4.19 -15.04
CA SER A 178 40.62 4.86 -15.97
C SER A 178 41.24 5.15 -17.35
N SER A 179 42.58 5.13 -17.43
CA SER A 179 43.33 5.32 -18.68
C SER A 179 43.31 4.09 -19.63
N GLY A 180 42.86 2.94 -19.13
CA GLY A 180 42.87 1.71 -19.89
C GLY A 180 44.16 0.91 -19.73
N LEU A 181 45.08 1.39 -18.88
CA LEU A 181 46.37 0.77 -18.60
C LEU A 181 46.36 0.17 -17.19
N TYR A 182 47.15 -0.89 -16.97
CA TYR A 182 47.23 -1.53 -15.67
C TYR A 182 48.28 -0.91 -14.75
N SER A 183 48.13 -1.19 -13.46
CA SER A 183 49.03 -0.70 -12.43
C SER A 183 49.03 -1.65 -11.25
N LEU A 184 50.16 -1.74 -10.56
CA LEU A 184 50.29 -2.54 -9.37
C LEU A 184 51.54 -2.16 -8.59
N SER A 185 51.56 -2.45 -7.28
CA SER A 185 52.76 -2.24 -6.48
C SER A 185 53.26 -3.59 -5.97
N SER A 186 54.56 -3.66 -5.73
CA SER A 186 55.21 -4.80 -5.11
C SER A 186 55.98 -4.23 -3.95
N VAL A 187 55.78 -4.77 -2.75
CA VAL A 187 56.49 -4.30 -1.58
C VAL A 187 57.26 -5.41 -0.90
N VAL A 188 58.28 -5.04 -0.14
CA VAL A 188 59.05 -5.96 0.66
C VAL A 188 59.39 -5.29 2.00
N THR A 189 59.19 -6.00 3.09
CA THR A 189 59.50 -5.49 4.42
C THR A 189 60.95 -5.95 4.77
N VAL A 190 61.85 -4.97 5.00
CA VAL A 190 63.28 -5.18 5.28
C VAL A 190 63.71 -4.64 6.66
N PRO A 191 64.85 -5.05 7.27
CA PRO A 191 65.24 -4.46 8.56
C PRO A 191 65.97 -3.12 8.41
N SER A 192 65.76 -2.17 9.33
CA SER A 192 66.44 -0.86 9.27
C SER A 192 67.94 -0.96 9.55
N SER A 193 68.39 -2.07 10.18
CA SER A 193 69.80 -2.33 10.50
C SER A 193 70.54 -2.80 9.25
N SER A 194 69.95 -3.75 8.47
CA SER A 194 70.58 -4.28 7.26
C SER A 194 70.32 -3.46 5.99
N LEU A 195 69.51 -2.37 6.08
CA LEU A 195 69.18 -1.52 4.93
C LEU A 195 70.29 -0.56 4.45
N GLY A 196 71.44 -0.59 5.13
CA GLY A 196 72.60 0.25 4.80
C GLY A 196 73.76 -0.51 4.18
N THR A 197 73.74 -1.85 4.24
CA THR A 197 74.78 -2.67 3.64
C THR A 197 74.20 -3.50 2.47
N LYS A 198 72.96 -4.01 2.65
CA LYS A 198 72.26 -4.81 1.64
C LYS A 198 71.42 -3.89 0.74
N THR A 199 71.41 -4.14 -0.59
CA THR A 199 70.62 -3.31 -1.51
C THR A 199 69.40 -4.07 -2.05
N TYR A 200 68.38 -3.33 -2.53
CA TYR A 200 67.13 -3.97 -2.99
C TYR A 200 66.70 -3.53 -4.39
N THR A 201 66.56 -4.50 -5.27
CA THR A 201 66.20 -4.26 -6.64
C THR A 201 64.96 -5.04 -7.01
N CYS A 202 63.97 -4.39 -7.63
CA CYS A 202 62.81 -5.12 -8.12
C CYS A 202 62.97 -5.36 -9.63
N ASN A 203 62.66 -6.59 -10.04
CA ASN A 203 62.83 -7.02 -11.41
C ASN A 203 61.47 -7.22 -11.99
N VAL A 204 61.07 -6.32 -12.87
CA VAL A 204 59.75 -6.34 -13.50
C VAL A 204 59.85 -6.89 -14.92
N ASP A 205 59.14 -7.97 -15.21
CA ASP A 205 59.16 -8.54 -16.54
C ASP A 205 57.78 -8.41 -17.15
N HIS A 206 57.72 -7.91 -18.37
CA HIS A 206 56.47 -7.75 -19.09
C HIS A 206 56.67 -8.43 -20.43
N LYS A 207 56.46 -9.75 -20.47
CA LYS A 207 56.65 -10.53 -21.69
C LYS A 207 55.85 -10.01 -22.88
N PRO A 208 54.56 -9.58 -22.77
CA PRO A 208 53.87 -9.06 -23.97
C PRO A 208 54.65 -8.02 -24.78
N SER A 209 55.39 -7.10 -24.13
CA SER A 209 56.16 -6.08 -24.88
C SER A 209 57.68 -6.34 -24.88
N ASN A 210 58.12 -7.55 -24.50
CA ASN A 210 59.53 -7.94 -24.42
C ASN A 210 60.38 -6.90 -23.64
N THR A 211 59.84 -6.37 -22.53
CA THR A 211 60.47 -5.35 -21.69
C THR A 211 60.75 -5.90 -20.32
N LYS A 212 61.95 -5.65 -19.83
CA LYS A 212 62.37 -6.03 -18.49
C LYS A 212 62.89 -4.74 -17.81
N VAL A 213 62.45 -4.46 -16.57
CA VAL A 213 62.93 -3.27 -15.85
C VAL A 213 63.51 -3.69 -14.53
N ASP A 214 64.73 -3.24 -14.21
CA ASP A 214 65.36 -3.51 -12.91
C ASP A 214 65.50 -2.16 -12.22
N LYS A 215 64.79 -1.97 -11.11
CA LYS A 215 64.82 -0.71 -10.40
C LYS A 215 65.45 -0.88 -9.03
N ARG A 216 66.55 -0.16 -8.80
CA ARG A 216 67.25 -0.18 -7.52
C ARG A 216 66.54 0.82 -6.61
N VAL A 217 66.13 0.37 -5.43
CA VAL A 217 65.38 1.20 -4.47
C VAL A 217 66.26 1.56 -3.28
N HIS A 218 66.45 2.86 -3.05
CA HIS A 218 67.28 3.33 -1.95
C HIS A 218 66.51 3.50 -0.65
N HIS A 219 67.00 2.87 0.42
CA HIS A 219 66.38 2.94 1.74
C HIS A 219 66.49 4.34 2.39
N SER B 2 21.54 1.40 -3.41
CA SER B 2 20.71 2.33 -4.19
C SER B 2 19.17 2.16 -3.91
N ALA B 3 18.53 1.10 -4.43
CA ALA B 3 17.12 0.80 -4.11
C ALA B 3 17.04 -0.07 -2.83
N LEU B 4 18.11 -0.84 -2.53
CA LEU B 4 18.24 -1.75 -1.39
C LEU B 4 19.55 -1.45 -0.68
N THR B 5 19.54 -1.43 0.65
CA THR B 5 20.71 -1.15 1.46
C THR B 5 21.07 -2.29 2.38
N GLN B 6 22.34 -2.68 2.35
CA GLN B 6 22.87 -3.74 3.20
C GLN B 6 24.09 -3.22 3.93
N PRO B 7 24.41 -3.74 5.13
CA PRO B 7 25.68 -3.37 5.77
C PRO B 7 26.85 -3.85 4.91
N ALA B 8 27.92 -3.04 4.78
CA ALA B 8 29.06 -3.44 3.94
C ALA B 8 29.75 -4.70 4.45
N SER B 9 29.70 -4.93 5.76
CA SER B 9 30.31 -6.11 6.34
C SER B 9 29.71 -6.50 7.68
N VAL B 10 29.74 -7.81 7.96
CA VAL B 10 29.21 -8.44 9.16
C VAL B 10 30.23 -9.50 9.55
N SER B 11 30.46 -9.73 10.84
CA SER B 11 31.39 -10.77 11.27
C SER B 11 30.90 -11.54 12.48
N GLY B 12 31.35 -12.78 12.54
CA GLY B 12 31.04 -13.69 13.63
C GLY B 12 32.07 -14.77 13.79
N SER B 13 31.98 -15.54 14.88
CA SER B 13 32.89 -16.65 15.16
C SER B 13 32.19 -17.97 14.85
N PRO B 14 32.93 -19.05 14.59
CA PRO B 14 32.27 -20.34 14.32
C PRO B 14 31.28 -20.78 15.41
N GLY B 15 30.14 -21.32 14.98
CA GLY B 15 29.09 -21.79 15.88
C GLY B 15 28.03 -20.75 16.20
N GLN B 16 28.32 -19.48 15.98
CA GLN B 16 27.40 -18.40 16.27
C GLN B 16 26.37 -18.19 15.15
N SER B 17 25.39 -17.32 15.40
CA SER B 17 24.40 -16.91 14.43
C SER B 17 24.68 -15.47 14.04
N ILE B 18 24.55 -15.14 12.75
CA ILE B 18 24.66 -13.76 12.29
C ILE B 18 23.42 -13.38 11.47
N THR B 19 23.16 -12.09 11.33
CA THR B 19 22.04 -11.60 10.56
C THR B 19 22.50 -10.51 9.61
N ILE B 20 22.07 -10.58 8.36
CA ILE B 20 22.39 -9.56 7.36
C ILE B 20 21.08 -8.90 6.96
N SER B 21 21.00 -7.57 7.06
CA SER B 21 19.80 -6.85 6.72
C SER B 21 19.80 -6.30 5.29
N CYS B 22 18.62 -5.99 4.78
CA CYS B 22 18.42 -5.50 3.44
C CYS B 22 17.24 -4.57 3.56
N THR B 23 17.49 -3.25 3.62
CA THR B 23 16.41 -2.29 3.77
C THR B 23 16.07 -1.64 2.44
N ALA B 24 14.79 -1.64 2.06
CA ALA B 24 14.37 -0.98 0.82
C ALA B 24 14.38 0.52 1.06
N THR B 25 15.09 1.29 0.24
CA THR B 25 15.16 2.74 0.43
C THR B 25 13.92 3.48 -0.10
N SER B 26 13.11 2.83 -0.94
CA SER B 26 11.97 3.51 -1.56
C SER B 26 10.72 2.65 -1.62
N SER B 27 9.60 3.32 -1.92
CA SER B 27 8.29 2.76 -2.12
C SER B 27 8.23 1.92 -3.40
N ASP B 28 9.18 2.09 -4.34
CA ASP B 28 9.24 1.40 -5.65
C ASP B 28 9.21 -0.13 -5.53
N VAL B 29 9.58 -0.71 -4.37
CA VAL B 29 9.50 -2.17 -4.19
C VAL B 29 8.07 -2.68 -3.92
N GLY B 30 7.11 -1.77 -3.71
CA GLY B 30 5.74 -2.14 -3.41
C GLY B 30 5.62 -3.02 -2.17
N ASP B 31 4.98 -4.17 -2.34
CA ASP B 31 4.75 -5.13 -1.29
C ASP B 31 6.01 -5.86 -0.83
N TYR B 32 7.15 -5.79 -1.60
CA TYR B 32 8.43 -6.37 -1.19
C TYR B 32 8.30 -7.87 -0.81
N ASN B 33 7.64 -8.67 -1.68
CA ASN B 33 7.40 -10.09 -1.43
C ASN B 33 8.49 -10.99 -1.98
N TYR B 34 9.04 -10.59 -3.12
CA TYR B 34 10.10 -11.35 -3.75
C TYR B 34 11.47 -10.87 -3.34
N VAL B 35 12.00 -11.44 -2.27
CA VAL B 35 13.33 -11.09 -1.82
C VAL B 35 14.20 -12.32 -1.88
N SER B 36 15.28 -12.26 -2.69
CA SER B 36 16.21 -13.37 -2.84
C SER B 36 17.55 -13.04 -2.22
N TRP B 37 18.25 -14.05 -1.71
CA TRP B 37 19.58 -13.91 -1.13
C TRP B 37 20.57 -14.77 -1.90
N TYR B 38 21.71 -14.19 -2.26
CA TYR B 38 22.79 -14.86 -2.99
C TYR B 38 24.07 -14.93 -2.18
N GLN B 39 24.73 -16.08 -2.21
CA GLN B 39 26.04 -16.31 -1.60
C GLN B 39 27.03 -16.30 -2.75
N GLN B 40 28.09 -15.49 -2.65
CA GLN B 40 29.08 -15.44 -3.70
C GLN B 40 30.48 -15.60 -3.17
N HIS B 41 31.14 -16.70 -3.54
CA HIS B 41 32.52 -16.96 -3.16
C HIS B 41 33.45 -16.32 -4.19
N PRO B 42 34.67 -15.94 -3.79
CA PRO B 42 35.57 -15.24 -4.74
C PRO B 42 35.81 -15.96 -6.07
N GLY B 43 35.64 -15.20 -7.16
CA GLY B 43 35.77 -15.73 -8.51
C GLY B 43 34.65 -16.64 -8.97
N LYS B 44 33.63 -16.86 -8.10
CA LYS B 44 32.52 -17.74 -8.45
C LYS B 44 31.22 -16.99 -8.74
N ALA B 45 30.27 -17.68 -9.31
CA ALA B 45 28.98 -17.11 -9.65
C ALA B 45 28.12 -17.02 -8.41
N PRO B 46 27.20 -16.05 -8.36
CA PRO B 46 26.26 -15.98 -7.22
C PRO B 46 25.42 -17.27 -7.10
N LYS B 47 25.05 -17.65 -5.87
CA LYS B 47 24.33 -18.88 -5.60
C LYS B 47 23.05 -18.54 -4.82
N LEU B 48 21.88 -19.00 -5.29
CA LEU B 48 20.62 -18.66 -4.63
C LEU B 48 20.45 -19.46 -3.34
N MET B 49 20.36 -18.75 -2.19
CA MET B 49 20.21 -19.37 -0.87
C MET B 49 18.79 -19.31 -0.35
N ILE B 50 18.11 -18.20 -0.62
CA ILE B 50 16.75 -17.94 -0.14
C ILE B 50 16.02 -17.17 -1.22
N PHE B 51 14.74 -17.46 -1.43
CA PHE B 51 13.88 -16.74 -2.39
C PHE B 51 12.50 -16.51 -1.76
N GLU B 52 11.73 -15.54 -2.24
CA GLU B 52 10.40 -15.19 -1.71
C GLU B 52 10.44 -14.95 -0.20
N VAL B 53 11.46 -14.18 0.23
CA VAL B 53 11.74 -13.80 1.62
C VAL B 53 12.28 -14.95 2.48
N SER B 54 11.61 -16.13 2.48
CA SER B 54 11.97 -17.22 3.39
C SER B 54 12.05 -18.63 2.82
N ASP B 55 11.81 -18.82 1.52
CA ASP B 55 11.87 -20.16 0.93
C ASP B 55 13.30 -20.56 0.62
N ARG B 56 13.62 -21.83 0.79
CA ARG B 56 14.96 -22.34 0.59
C ARG B 56 14.97 -23.28 -0.60
N PRO B 57 15.82 -23.04 -1.62
CA PRO B 57 15.91 -24.00 -2.73
C PRO B 57 16.42 -25.36 -2.25
N SER B 58 16.09 -26.44 -2.98
CA SER B 58 16.54 -27.78 -2.58
C SER B 58 18.07 -27.85 -2.62
N GLY B 59 18.66 -28.41 -1.57
CA GLY B 59 20.12 -28.53 -1.48
C GLY B 59 20.80 -27.47 -0.62
N ILE B 60 20.04 -26.45 -0.19
CA ILE B 60 20.59 -25.40 0.66
C ILE B 60 20.36 -25.79 2.12
N SER B 61 21.42 -25.75 2.92
CA SER B 61 21.41 -26.05 4.35
C SER B 61 20.30 -25.29 5.10
N ASN B 62 19.71 -25.92 6.12
CA ASN B 62 18.68 -25.28 6.93
C ASN B 62 19.23 -24.20 7.89
N ARG B 63 20.56 -24.03 7.94
CA ARG B 63 21.19 -22.97 8.72
C ARG B 63 20.90 -21.57 8.14
N PHE B 64 20.52 -21.49 6.87
CA PHE B 64 20.20 -20.24 6.21
C PHE B 64 18.67 -20.05 6.29
N SER B 65 18.24 -18.90 6.79
CA SER B 65 16.82 -18.60 6.86
C SER B 65 16.54 -17.15 6.53
N GLY B 66 15.36 -16.87 6.01
CA GLY B 66 14.96 -15.53 5.67
C GLY B 66 13.71 -15.07 6.38
N SER B 67 13.58 -13.74 6.59
CA SER B 67 12.43 -13.10 7.23
C SER B 67 12.35 -11.62 6.83
N LYS B 68 11.21 -10.96 7.08
CA LYS B 68 11.06 -9.53 6.79
C LYS B 68 10.16 -8.83 7.78
N SER B 69 10.53 -7.61 8.13
CA SER B 69 9.78 -6.77 9.05
C SER B 69 9.68 -5.44 8.36
N GLY B 70 8.51 -5.16 7.79
CA GLY B 70 8.27 -3.93 7.07
C GLY B 70 9.07 -3.91 5.80
N ASN B 71 9.91 -2.89 5.65
CA ASN B 71 10.76 -2.73 4.48
C ASN B 71 12.18 -3.31 4.68
N THR B 72 12.40 -4.10 5.75
CA THR B 72 13.70 -4.70 6.02
C THR B 72 13.64 -6.21 5.96
N ALA B 73 14.39 -6.82 5.04
CA ALA B 73 14.50 -8.27 4.91
C ALA B 73 15.78 -8.72 5.56
N SER B 74 15.79 -9.90 6.19
CA SER B 74 16.97 -10.39 6.88
C SER B 74 17.33 -11.82 6.57
N LEU B 75 18.63 -12.07 6.40
CA LEU B 75 19.15 -13.39 6.18
C LEU B 75 19.85 -13.77 7.45
N THR B 76 19.46 -14.88 8.08
CA THR B 76 20.11 -15.35 9.30
C THR B 76 20.88 -16.62 8.99
N ILE B 77 22.14 -16.71 9.43
CA ILE B 77 22.94 -17.91 9.23
C ILE B 77 23.29 -18.46 10.61
N SER B 78 22.77 -19.62 10.95
CA SER B 78 23.03 -20.25 12.24
C SER B 78 24.21 -21.21 12.12
N GLY B 79 24.82 -21.62 13.26
CA GLY B 79 25.96 -22.54 13.27
C GLY B 79 27.04 -22.22 12.26
N LEU B 80 27.50 -20.95 12.27
CA LEU B 80 28.48 -20.36 11.37
C LEU B 80 29.69 -21.25 11.18
N GLN B 81 30.02 -21.54 9.93
CA GLN B 81 31.16 -22.37 9.55
C GLN B 81 32.10 -21.54 8.68
N ALA B 82 33.38 -21.93 8.61
CA ALA B 82 34.38 -21.20 7.83
C ALA B 82 33.96 -20.98 6.36
N GLU B 83 33.39 -22.02 5.73
CA GLU B 83 32.96 -21.95 4.33
C GLU B 83 31.80 -20.94 4.08
N ASP B 84 31.19 -20.40 5.15
CA ASP B 84 30.13 -19.41 5.06
C ASP B 84 30.67 -18.02 4.73
N GLU B 85 31.98 -17.78 4.92
CA GLU B 85 32.65 -16.52 4.61
C GLU B 85 32.57 -16.31 3.10
N ALA B 86 31.85 -15.26 2.69
CA ALA B 86 31.58 -14.96 1.26
C ALA B 86 30.88 -13.56 1.17
N ASP B 87 30.51 -13.08 -0.04
CA ASP B 87 29.73 -11.86 -0.20
C ASP B 87 28.26 -12.27 -0.27
N TYR B 88 27.38 -11.57 0.40
CA TYR B 88 25.96 -11.86 0.37
C TYR B 88 25.23 -10.71 -0.23
N TYR B 89 24.38 -10.97 -1.21
CA TYR B 89 23.60 -9.92 -1.86
C TYR B 89 22.14 -10.23 -1.72
N CYS B 90 21.36 -9.21 -1.43
CA CYS B 90 19.92 -9.35 -1.45
C CYS B 90 19.44 -8.80 -2.79
N SER B 91 18.31 -9.28 -3.24
CA SER B 91 17.74 -8.84 -4.49
C SER B 91 16.23 -8.76 -4.34
N SER B 92 15.61 -7.85 -5.09
CA SER B 92 14.16 -7.71 -5.14
C SER B 92 13.76 -7.00 -6.44
N TYR B 93 12.49 -6.58 -6.56
CA TYR B 93 12.03 -5.87 -7.74
C TYR B 93 11.62 -4.47 -7.38
N THR B 94 11.73 -3.57 -8.36
CA THR B 94 11.11 -2.25 -8.34
C THR B 94 10.05 -2.33 -9.46
N THR B 95 9.28 -1.26 -9.72
CA THR B 95 8.28 -1.31 -10.79
C THR B 95 8.91 -1.42 -12.20
N SER B 96 10.23 -1.34 -12.32
CA SER B 96 10.90 -1.40 -13.63
C SER B 96 12.07 -2.35 -13.70
N SER B 97 12.59 -2.82 -12.55
CA SER B 97 13.83 -3.57 -12.57
C SER B 97 14.04 -4.63 -11.51
N ALA B 98 15.00 -5.51 -11.73
CA ALA B 98 15.46 -6.45 -10.72
C ALA B 98 16.64 -5.70 -10.07
N VAL B 99 16.54 -5.39 -8.78
CA VAL B 99 17.57 -4.62 -8.09
C VAL B 99 18.38 -5.47 -7.10
N PHE B 100 19.52 -4.96 -6.70
CA PHE B 100 20.40 -5.64 -5.76
C PHE B 100 20.84 -4.68 -4.70
N GLY B 101 21.13 -5.21 -3.53
CA GLY B 101 21.78 -4.43 -2.48
C GLY B 101 23.26 -4.31 -2.83
N GLY B 102 24.01 -3.48 -2.09
CA GLY B 102 25.43 -3.28 -2.36
C GLY B 102 26.35 -4.44 -2.00
N GLY B 103 25.80 -5.44 -1.32
CA GLY B 103 26.58 -6.58 -0.89
C GLY B 103 27.09 -6.45 0.52
N THR B 104 27.28 -7.56 1.19
CA THR B 104 27.80 -7.59 2.55
C THR B 104 28.88 -8.64 2.58
N LYS B 105 30.10 -8.27 2.94
CA LYS B 105 31.17 -9.24 3.06
C LYS B 105 31.03 -9.82 4.47
N LEU B 106 30.80 -11.14 4.56
CA LEU B 106 30.68 -11.81 5.84
C LEU B 106 32.04 -12.42 6.21
N THR B 107 32.51 -12.15 7.43
CA THR B 107 33.75 -12.71 7.91
C THR B 107 33.49 -13.73 9.01
N VAL B 108 34.05 -14.93 8.89
CA VAL B 108 33.98 -15.91 9.94
C VAL B 108 35.39 -15.93 10.53
N LEU B 109 35.56 -15.37 11.72
CA LEU B 109 36.86 -15.27 12.38
C LEU B 109 37.49 -16.63 12.68
N GLY B 110 38.65 -16.86 12.08
CA GLY B 110 39.41 -18.10 12.26
C GLY B 110 40.70 -17.92 13.05
N ARG B 111 40.99 -16.69 13.51
CA ARG B 111 42.17 -16.39 14.31
C ARG B 111 42.02 -15.03 15.00
N THR B 112 43.03 -14.60 15.75
CA THR B 112 42.99 -13.33 16.47
C THR B 112 43.18 -12.13 15.55
N VAL B 113 42.70 -10.97 15.98
CA VAL B 113 42.87 -9.72 15.25
C VAL B 113 44.37 -9.35 15.21
N ALA B 114 44.86 -8.99 14.03
CA ALA B 114 46.23 -8.50 13.87
C ALA B 114 46.08 -7.10 13.27
N ALA B 115 46.68 -6.14 13.93
CA ALA B 115 46.65 -4.75 13.49
C ALA B 115 47.68 -4.57 12.37
N PRO B 116 47.32 -3.79 11.34
CA PRO B 116 48.29 -3.58 10.26
C PRO B 116 49.44 -2.67 10.66
N SER B 117 50.60 -2.90 10.05
CA SER B 117 51.74 -2.01 10.12
C SER B 117 51.47 -1.07 8.92
N VAL B 118 51.40 0.24 9.14
CA VAL B 118 51.05 1.21 8.10
C VAL B 118 52.24 2.00 7.61
N PHE B 119 52.37 2.17 6.27
CA PHE B 119 53.44 2.92 5.64
C PHE B 119 52.88 3.81 4.56
N ILE B 120 53.40 5.04 4.48
CA ILE B 120 53.03 5.98 3.45
C ILE B 120 54.24 6.21 2.56
N PHE B 121 54.01 6.27 1.25
CA PHE B 121 55.08 6.47 0.29
C PHE B 121 54.73 7.64 -0.59
N PRO B 122 55.54 8.71 -0.54
CA PRO B 122 55.30 9.84 -1.45
C PRO B 122 55.57 9.48 -2.90
N PRO B 123 55.04 10.25 -3.87
CA PRO B 123 55.41 9.98 -5.27
C PRO B 123 56.89 10.26 -5.47
N SER B 124 57.53 9.51 -6.37
CA SER B 124 58.95 9.75 -6.65
C SER B 124 59.08 10.98 -7.58
N ASP B 125 60.24 11.65 -7.54
CA ASP B 125 60.55 12.81 -8.40
C ASP B 125 60.56 12.36 -9.88
N GLU B 126 60.95 11.13 -10.17
CA GLU B 126 60.98 10.56 -11.51
C GLU B 126 59.59 10.52 -12.12
N GLN B 127 58.57 10.23 -11.32
CA GLN B 127 57.19 10.18 -11.79
C GLN B 127 56.64 11.58 -11.98
N LEU B 128 56.99 12.50 -11.09
CA LEU B 128 56.51 13.88 -11.17
C LEU B 128 56.86 14.56 -12.48
N LYS B 129 58.07 14.31 -13.04
CA LYS B 129 58.45 14.88 -14.34
C LYS B 129 57.41 14.56 -15.44
N SER B 130 56.79 13.37 -15.37
CA SER B 130 55.77 12.91 -16.31
C SER B 130 54.36 13.46 -16.13
N GLY B 131 54.15 14.33 -15.13
CA GLY B 131 52.85 14.94 -14.92
C GLY B 131 51.83 14.23 -14.05
N THR B 132 52.22 13.11 -13.42
CA THR B 132 51.32 12.39 -12.53
C THR B 132 51.99 12.11 -11.17
N ALA B 133 51.23 12.17 -10.08
CA ALA B 133 51.71 11.83 -8.74
C ALA B 133 50.87 10.69 -8.16
N SER B 134 51.52 9.62 -7.71
CA SER B 134 50.84 8.49 -7.09
C SER B 134 51.35 8.42 -5.67
N VAL B 135 50.44 8.47 -4.71
CA VAL B 135 50.81 8.39 -3.30
C VAL B 135 50.27 7.03 -2.85
N VAL B 136 51.13 6.16 -2.29
CA VAL B 136 50.76 4.80 -1.90
C VAL B 136 50.72 4.60 -0.36
N CYS B 137 49.71 3.89 0.15
CA CYS B 137 49.57 3.57 1.55
C CYS B 137 49.53 2.02 1.63
N LEU B 138 50.41 1.45 2.44
CA LEU B 138 50.52 0.02 2.66
C LEU B 138 50.05 -0.36 4.06
N LEU B 139 49.16 -1.36 4.12
CA LEU B 139 48.61 -1.95 5.32
C LEU B 139 49.15 -3.34 5.29
N ASN B 140 50.18 -3.60 6.06
CA ASN B 140 50.84 -4.90 6.07
C ASN B 140 50.39 -5.88 7.18
N ASN B 141 50.17 -7.15 6.77
CA ASN B 141 49.90 -8.30 7.60
C ASN B 141 48.85 -8.07 8.68
N PHE B 142 47.61 -7.84 8.26
CA PHE B 142 46.53 -7.62 9.20
C PHE B 142 45.41 -8.68 9.09
N TYR B 143 44.53 -8.74 10.09
CA TYR B 143 43.42 -9.71 10.14
C TYR B 143 42.34 -9.16 11.08
N PRO B 144 41.04 -9.23 10.74
CA PRO B 144 40.45 -9.75 9.49
C PRO B 144 40.61 -8.76 8.30
N ARG B 145 39.97 -9.04 7.18
CA ARG B 145 40.02 -8.27 5.95
C ARG B 145 39.51 -6.84 6.09
N GLU B 146 38.50 -6.60 6.96
CA GLU B 146 37.90 -5.27 7.08
C GLU B 146 38.84 -4.15 7.55
N ALA B 147 38.99 -3.14 6.72
CA ALA B 147 39.80 -1.97 7.04
C ALA B 147 39.31 -0.80 6.22
N LYS B 148 39.17 0.34 6.85
CA LYS B 148 38.76 1.55 6.19
C LYS B 148 40.00 2.42 5.99
N VAL B 149 40.31 2.76 4.75
CA VAL B 149 41.47 3.57 4.42
C VAL B 149 40.96 4.88 3.85
N GLN B 150 41.33 6.01 4.46
CA GLN B 150 40.88 7.31 4.00
C GLN B 150 42.05 8.22 3.74
N TRP B 151 42.05 8.91 2.59
CA TRP B 151 43.11 9.84 2.22
C TRP B 151 42.72 11.23 2.60
N LYS B 152 43.63 11.97 3.17
CA LYS B 152 43.40 13.35 3.55
C LYS B 152 44.52 14.19 2.99
N VAL B 153 44.17 15.26 2.30
CA VAL B 153 45.16 16.15 1.68
C VAL B 153 44.94 17.51 2.28
N ASP B 154 45.88 17.98 3.08
CA ASP B 154 45.73 19.21 3.89
C ASP B 154 44.49 19.14 4.79
N ASN B 155 44.22 17.94 5.32
CA ASN B 155 43.10 17.61 6.19
C ASN B 155 41.73 17.49 5.48
N ALA B 156 41.70 17.60 4.15
CA ALA B 156 40.46 17.44 3.39
C ALA B 156 40.34 16.00 2.94
N LEU B 157 39.23 15.37 3.31
CA LEU B 157 38.94 14.00 2.94
C LEU B 157 38.76 13.85 1.44
N GLN B 158 39.48 12.90 0.84
CA GLN B 158 39.44 12.67 -0.59
C GLN B 158 38.40 11.64 -0.98
N SER B 159 37.90 11.74 -2.21
CA SER B 159 36.90 10.79 -2.69
C SER B 159 37.03 10.64 -4.19
N GLY B 160 36.93 9.41 -4.68
CA GLY B 160 36.96 9.11 -6.11
C GLY B 160 38.31 9.09 -6.80
N ASN B 161 39.40 9.37 -6.06
CA ASN B 161 40.73 9.41 -6.66
C ASN B 161 41.68 8.36 -6.09
N SER B 162 41.15 7.28 -5.52
CA SER B 162 41.96 6.22 -4.97
C SER B 162 41.43 4.83 -5.32
N GLN B 163 42.33 3.85 -5.35
CA GLN B 163 42.02 2.47 -5.67
C GLN B 163 42.74 1.57 -4.66
N GLU B 164 42.04 0.58 -4.14
CA GLU B 164 42.58 -0.37 -3.18
C GLU B 164 42.83 -1.71 -3.86
N SER B 165 43.81 -2.42 -3.33
CA SER B 165 44.20 -3.71 -3.85
C SER B 165 44.66 -4.57 -2.68
N VAL B 166 44.23 -5.83 -2.64
CA VAL B 166 44.50 -6.73 -1.52
C VAL B 166 45.16 -8.00 -2.00
N THR B 167 46.10 -8.54 -1.22
CA THR B 167 46.73 -9.83 -1.54
C THR B 167 45.83 -11.00 -1.07
N GLU B 168 46.13 -12.22 -1.54
CA GLU B 168 45.45 -13.41 -1.06
C GLU B 168 45.86 -13.64 0.40
N GLN B 169 45.01 -14.31 1.16
CA GLN B 169 45.28 -14.64 2.57
C GLN B 169 46.62 -15.43 2.69
N ASP B 170 47.46 -15.10 3.69
CA ASP B 170 48.74 -15.77 3.85
C ASP B 170 48.46 -17.21 4.29
N SER B 171 49.09 -18.19 3.61
CA SER B 171 48.85 -19.61 3.90
C SER B 171 49.27 -20.01 5.31
N LYS B 172 50.29 -19.34 5.85
CA LYS B 172 50.78 -19.65 7.19
C LYS B 172 50.01 -18.94 8.31
N ASP B 173 49.95 -17.59 8.31
CA ASP B 173 49.31 -16.85 9.40
C ASP B 173 47.91 -16.29 9.10
N SER B 174 47.39 -16.48 7.88
CA SER B 174 46.06 -16.00 7.50
C SER B 174 45.91 -14.48 7.39
N THR B 175 47.01 -13.72 7.35
CA THR B 175 46.92 -12.27 7.23
C THR B 175 46.73 -11.81 5.80
N TYR B 176 46.24 -10.59 5.65
CA TYR B 176 46.05 -9.89 4.40
C TYR B 176 47.02 -8.73 4.39
N SER B 177 47.28 -8.20 3.20
CA SER B 177 48.03 -6.97 2.97
C SER B 177 47.23 -6.16 1.95
N LEU B 178 47.27 -4.85 2.05
CA LEU B 178 46.50 -3.97 1.22
C LEU B 178 47.29 -2.75 0.85
N SER B 179 47.12 -2.31 -0.38
CA SER B 179 47.68 -1.09 -0.85
C SER B 179 46.49 -0.19 -1.27
N SER B 180 46.60 1.12 -1.00
CA SER B 180 45.64 2.13 -1.42
C SER B 180 46.49 3.15 -2.16
N THR B 181 46.11 3.48 -3.39
CA THR B 181 46.89 4.41 -4.20
C THR B 181 46.04 5.62 -4.53
N LEU B 182 46.54 6.78 -4.16
CA LEU B 182 45.89 8.06 -4.43
C LEU B 182 46.53 8.60 -5.71
N THR B 183 45.73 8.89 -6.74
CA THR B 183 46.26 9.43 -7.99
C THR B 183 45.89 10.89 -8.19
N LEU B 184 46.90 11.76 -8.30
CA LEU B 184 46.73 13.19 -8.57
C LEU B 184 47.57 13.61 -9.79
N SER B 185 47.22 14.74 -10.41
CA SER B 185 48.06 15.30 -11.46
C SER B 185 49.22 16.01 -10.73
N LYS B 186 50.35 16.26 -11.39
CA LYS B 186 51.48 16.97 -10.77
C LYS B 186 51.04 18.34 -10.22
N ALA B 187 50.21 19.08 -10.97
CA ALA B 187 49.75 20.40 -10.53
C ALA B 187 48.94 20.34 -9.25
N ASP B 188 48.02 19.37 -9.15
CA ASP B 188 47.20 19.19 -7.95
C ASP B 188 48.02 18.75 -6.78
N TYR B 189 49.01 17.86 -6.99
CA TYR B 189 49.90 17.42 -5.94
C TYR B 189 50.70 18.60 -5.38
N GLU B 190 51.14 19.52 -6.24
CA GLU B 190 51.92 20.68 -5.81
C GLU B 190 51.09 21.80 -5.16
N LYS B 191 49.78 21.66 -5.11
CA LYS B 191 48.89 22.63 -4.47
C LYS B 191 48.77 22.42 -2.95
N HIS B 192 49.16 21.24 -2.42
CA HIS B 192 48.98 20.91 -1.00
C HIS B 192 50.28 20.50 -0.29
N LYS B 193 50.29 20.50 1.05
CA LYS B 193 51.49 20.12 1.82
C LYS B 193 51.37 18.75 2.52
N VAL B 194 50.36 18.56 3.38
CA VAL B 194 50.20 17.33 4.16
C VAL B 194 49.45 16.23 3.40
N TYR B 195 50.08 15.07 3.26
CA TYR B 195 49.46 13.92 2.64
C TYR B 195 49.34 12.88 3.73
N ALA B 196 48.12 12.45 4.03
CA ALA B 196 47.92 11.49 5.12
C ALA B 196 47.00 10.36 4.77
N CYS B 197 47.34 9.16 5.23
CA CYS B 197 46.51 7.98 5.04
CA CYS B 197 46.45 8.02 5.05
C CYS B 197 46.03 7.49 6.42
N GLU B 198 44.72 7.54 6.68
CA GLU B 198 44.12 7.12 7.93
C GLU B 198 43.51 5.72 7.82
N VAL B 199 44.01 4.79 8.63
CA VAL B 199 43.57 3.39 8.64
C VAL B 199 42.79 3.04 9.90
N THR B 200 41.49 2.74 9.75
CA THR B 200 40.62 2.39 10.86
C THR B 200 40.31 0.88 10.95
N GLN B 201 40.54 0.30 12.13
CA GLN B 201 40.25 -1.10 12.40
C GLN B 201 39.76 -1.11 13.84
N GLY B 202 38.46 -1.32 14.04
CA GLY B 202 37.84 -1.35 15.35
C GLY B 202 37.97 -0.04 16.11
N THR B 203 38.53 -0.10 17.33
CA THR B 203 38.69 1.10 18.15
C THR B 203 39.95 1.92 17.85
N THR B 204 40.73 1.54 16.82
CA THR B 204 41.95 2.26 16.48
C THR B 204 41.97 2.80 15.05
N SER B 205 42.44 4.04 14.92
CA SER B 205 42.70 4.73 13.66
C SER B 205 44.15 5.12 13.71
N VAL B 206 44.92 4.75 12.68
CA VAL B 206 46.33 5.10 12.61
C VAL B 206 46.52 5.92 11.39
N THR B 207 47.03 7.15 11.54
CA THR B 207 47.32 8.03 10.43
C THR B 207 48.83 8.11 10.25
N LYS B 208 49.30 7.82 9.03
CA LYS B 208 50.72 7.96 8.64
C LYS B 208 50.70 9.09 7.63
N SER B 209 51.60 10.06 7.76
CA SER B 209 51.61 11.20 6.86
C SER B 209 52.98 11.71 6.48
N PHE B 210 53.04 12.55 5.47
CA PHE B 210 54.27 13.24 5.09
C PHE B 210 53.94 14.62 4.59
N ASN B 211 54.93 15.51 4.66
CA ASN B 211 54.79 16.85 4.12
C ASN B 211 55.57 16.90 2.83
N ARG B 212 54.91 17.28 1.74
CA ARG B 212 55.51 17.48 0.43
C ARG B 212 56.56 18.58 0.54
N GLY B 213 57.72 18.33 -0.06
CA GLY B 213 58.83 19.26 -0.01
C GLY B 213 59.89 18.75 0.96
N GLU B 214 59.47 18.12 2.05
CA GLU B 214 60.38 17.59 3.07
C GLU B 214 60.96 16.20 2.74
N CYS B 215 60.77 15.74 1.49
CA CYS B 215 61.22 14.45 0.98
C CYS B 215 60.94 14.29 -0.54
N ASN C 6 -13.73 -43.48 -16.68
CA ASN C 6 -13.04 -42.58 -17.60
C ASN C 6 -12.88 -41.16 -16.99
N LEU C 7 -11.68 -40.80 -16.47
CA LEU C 7 -11.44 -39.50 -15.81
C LEU C 7 -11.70 -38.25 -16.67
N CYS C 8 -12.38 -37.22 -16.08
CA CYS C 8 -12.68 -35.96 -16.76
C CYS C 8 -11.38 -35.18 -16.92
N PRO C 9 -11.21 -34.45 -18.04
CA PRO C 9 -9.96 -33.71 -18.25
C PRO C 9 -9.88 -32.39 -17.51
N PHE C 10 -9.87 -32.44 -16.17
CA PHE C 10 -9.76 -31.27 -15.32
C PHE C 10 -8.34 -30.67 -15.34
N GLY C 11 -7.32 -31.51 -15.48
CA GLY C 11 -5.94 -31.08 -15.58
C GLY C 11 -5.69 -30.27 -16.85
N GLU C 12 -6.40 -30.58 -17.92
CA GLU C 12 -6.32 -29.84 -19.18
C GLU C 12 -6.87 -28.39 -19.04
N VAL C 13 -7.63 -28.11 -17.96
CA VAL C 13 -8.23 -26.81 -17.69
C VAL C 13 -7.49 -26.07 -16.59
N PHE C 14 -7.32 -26.70 -15.42
CA PHE C 14 -6.67 -26.07 -14.28
C PHE C 14 -5.17 -25.95 -14.49
N ASN C 15 -4.54 -27.00 -15.02
CA ASN C 15 -3.09 -27.05 -15.25
C ASN C 15 -2.70 -26.64 -16.66
N ALA C 16 -3.54 -25.85 -17.35
CA ALA C 16 -3.21 -25.41 -18.71
C ALA C 16 -2.02 -24.45 -18.70
N THR C 17 -1.22 -24.42 -19.78
CA THR C 17 -0.05 -23.53 -19.85
C THR C 17 -0.45 -22.07 -20.11
N ARG C 18 -1.32 -21.86 -21.09
CA ARG C 18 -1.79 -20.53 -21.41
C ARG C 18 -3.22 -20.34 -20.89
N PHE C 19 -3.49 -19.20 -20.27
CA PHE C 19 -4.84 -18.85 -19.82
C PHE C 19 -5.36 -17.72 -20.67
N ALA C 20 -6.67 -17.66 -20.84
CA ALA C 20 -7.30 -16.63 -21.67
C ALA C 20 -7.41 -15.26 -20.96
N SER C 21 -7.53 -14.19 -21.75
CA SER C 21 -7.84 -12.88 -21.22
C SER C 21 -9.34 -12.95 -20.86
N VAL C 22 -9.78 -12.27 -19.79
CA VAL C 22 -11.18 -12.36 -19.35
C VAL C 22 -12.19 -12.03 -20.46
N TYR C 23 -11.94 -11.00 -21.31
CA TYR C 23 -12.89 -10.63 -22.37
C TYR C 23 -13.11 -11.77 -23.39
N ALA C 24 -12.05 -12.53 -23.68
CA ALA C 24 -12.11 -13.63 -24.64
C ALA C 24 -11.99 -14.98 -23.90
N TRP C 25 -12.66 -15.08 -22.73
CA TRP C 25 -12.64 -16.24 -21.85
C TRP C 25 -12.85 -17.58 -22.59
N ASN C 26 -12.15 -18.64 -22.16
CA ASN C 26 -12.24 -19.95 -22.79
CA ASN C 26 -12.25 -19.94 -22.80
C ASN C 26 -13.31 -20.83 -22.14
N ARG C 27 -13.85 -21.80 -22.90
CA ARG C 27 -14.85 -22.72 -22.40
C ARG C 27 -14.51 -24.12 -22.88
N LYS C 28 -14.56 -25.09 -21.97
CA LYS C 28 -14.38 -26.47 -22.31
C LYS C 28 -15.64 -27.20 -21.86
N ARG C 29 -16.25 -27.95 -22.75
CA ARG C 29 -17.41 -28.76 -22.41
C ARG C 29 -16.85 -30.06 -21.83
N ILE C 30 -17.28 -30.42 -20.63
CA ILE C 30 -16.84 -31.65 -19.99
C ILE C 30 -18.02 -32.62 -19.93
N SER C 31 -17.88 -33.75 -20.64
CA SER C 31 -18.95 -34.74 -20.79
C SER C 31 -18.46 -36.18 -20.73
N ASN C 32 -19.41 -37.11 -20.45
CA ASN C 32 -19.22 -38.56 -20.45
C ASN C 32 -17.97 -39.00 -19.71
N CYS C 33 -17.86 -38.59 -18.44
CA CYS C 33 -16.66 -38.88 -17.67
C CYS C 33 -16.86 -38.86 -16.12
N VAL C 34 -15.88 -39.40 -15.38
CA VAL C 34 -15.87 -39.44 -13.93
C VAL C 34 -15.10 -38.23 -13.38
N ALA C 35 -15.84 -37.31 -12.79
CA ALA C 35 -15.26 -36.11 -12.24
C ALA C 35 -14.77 -36.33 -10.82
N ASP C 36 -13.45 -36.50 -10.66
CA ASP C 36 -12.85 -36.66 -9.35
C ASP C 36 -12.42 -35.29 -8.85
N TYR C 37 -13.29 -34.67 -8.06
CA TYR C 37 -12.99 -33.38 -7.46
C TYR C 37 -11.97 -33.50 -6.31
N SER C 38 -11.53 -34.74 -5.99
CA SER C 38 -10.53 -35.10 -4.99
C SER C 38 -9.15 -34.51 -5.36
N VAL C 39 -8.88 -34.35 -6.67
CA VAL C 39 -7.64 -33.73 -7.15
C VAL C 39 -7.65 -32.21 -6.92
N LEU C 40 -8.82 -31.59 -7.01
CA LEU C 40 -8.98 -30.15 -6.80
C LEU C 40 -9.11 -29.81 -5.30
N TYR C 41 -9.66 -30.73 -4.50
CA TYR C 41 -9.77 -30.54 -3.05
C TYR C 41 -8.41 -30.78 -2.35
N ASN C 42 -7.51 -31.60 -2.97
CA ASN C 42 -6.16 -31.90 -2.49
C ASN C 42 -5.16 -30.78 -2.80
N SER C 43 -5.48 -29.86 -3.75
CA SER C 43 -4.62 -28.75 -4.16
C SER C 43 -4.75 -27.49 -3.28
N ALA C 44 -3.67 -27.18 -2.54
CA ALA C 44 -3.58 -26.01 -1.66
C ALA C 44 -3.28 -24.70 -2.41
N SER C 45 -3.32 -24.72 -3.75
CA SER C 45 -3.05 -23.56 -4.58
C SER C 45 -4.20 -22.56 -4.58
N PHE C 46 -5.43 -23.06 -4.55
CA PHE C 46 -6.64 -22.22 -4.64
C PHE C 46 -6.97 -21.43 -3.39
N SER C 47 -7.14 -20.10 -3.53
CA SER C 47 -7.54 -19.21 -2.43
C SER C 47 -9.05 -18.83 -2.46
N THR C 48 -9.81 -19.39 -3.42
CA THR C 48 -11.25 -19.18 -3.56
C THR C 48 -11.88 -20.46 -4.08
N PHE C 49 -12.89 -20.95 -3.36
CA PHE C 49 -13.65 -22.12 -3.77
C PHE C 49 -15.08 -21.87 -3.32
N LYS C 50 -15.89 -21.25 -4.19
CA LYS C 50 -17.26 -20.90 -3.82
C LYS C 50 -18.28 -21.63 -4.69
N CYS C 51 -19.19 -22.40 -4.06
CA CYS C 51 -20.22 -23.12 -4.81
C CYS C 51 -21.60 -22.48 -4.68
N TYR C 52 -22.38 -22.57 -5.74
CA TYR C 52 -23.72 -22.02 -5.82
C TYR C 52 -24.67 -23.11 -6.34
N GLY C 53 -25.75 -23.36 -5.61
CA GLY C 53 -26.75 -24.37 -5.98
C GLY C 53 -26.34 -25.81 -5.77
N VAL C 54 -25.10 -26.06 -5.28
CA VAL C 54 -24.51 -27.38 -5.00
C VAL C 54 -23.61 -27.31 -3.75
N SER C 55 -23.34 -28.45 -3.11
CA SER C 55 -22.47 -28.48 -1.92
C SER C 55 -21.08 -28.97 -2.32
N PRO C 56 -19.99 -28.31 -1.85
CA PRO C 56 -18.64 -28.76 -2.21
C PRO C 56 -18.26 -30.14 -1.64
N THR C 57 -18.81 -30.47 -0.47
CA THR C 57 -18.55 -31.75 0.18
C THR C 57 -19.27 -32.91 -0.55
N LYS C 58 -20.48 -32.63 -1.06
CA LYS C 58 -21.26 -33.63 -1.78
C LYS C 58 -21.05 -33.59 -3.30
N LEU C 59 -19.97 -32.96 -3.78
CA LEU C 59 -19.66 -32.89 -5.20
C LEU C 59 -19.20 -34.24 -5.76
N ASN C 60 -18.52 -35.05 -4.91
CA ASN C 60 -18.12 -36.39 -5.33
C ASN C 60 -19.30 -37.40 -5.39
N ASP C 61 -20.54 -36.94 -5.13
CA ASP C 61 -21.75 -37.74 -5.16
C ASP C 61 -22.70 -37.28 -6.27
N LEU C 62 -22.68 -36.00 -6.65
CA LEU C 62 -23.59 -35.46 -7.65
C LEU C 62 -23.37 -35.95 -9.08
N CYS C 63 -24.44 -36.01 -9.85
CA CYS C 63 -24.40 -36.40 -11.25
C CYS C 63 -25.04 -35.29 -12.10
N PHE C 64 -24.44 -34.98 -13.25
CA PHE C 64 -24.92 -33.92 -14.10
C PHE C 64 -25.02 -34.33 -15.54
N THR C 65 -25.94 -33.71 -16.24
CA THR C 65 -26.14 -33.94 -17.66
C THR C 65 -24.92 -33.38 -18.42
N ASN C 66 -24.45 -32.20 -18.01
CA ASN C 66 -23.30 -31.54 -18.63
C ASN C 66 -22.56 -30.66 -17.66
N VAL C 67 -21.28 -30.46 -17.93
CA VAL C 67 -20.42 -29.59 -17.14
C VAL C 67 -19.70 -28.65 -18.11
N TYR C 68 -19.49 -27.39 -17.69
CA TYR C 68 -18.76 -26.44 -18.53
C TYR C 68 -17.68 -25.80 -17.69
N ALA C 69 -16.45 -25.81 -18.18
CA ALA C 69 -15.35 -25.21 -17.46
C ALA C 69 -14.87 -23.97 -18.18
N ASP C 70 -15.14 -22.80 -17.61
CA ASP C 70 -14.73 -21.53 -18.19
C ASP C 70 -13.47 -21.06 -17.51
N SER C 71 -12.46 -20.61 -18.28
CA SER C 71 -11.20 -20.19 -17.67
C SER C 71 -10.70 -18.85 -18.20
N PHE C 72 -10.03 -18.06 -17.35
CA PHE C 72 -9.54 -16.73 -17.70
C PHE C 72 -8.67 -16.16 -16.54
N VAL C 73 -8.09 -14.96 -16.73
CA VAL C 73 -7.28 -14.26 -15.74
C VAL C 73 -7.85 -12.85 -15.46
N ILE C 74 -7.97 -12.52 -14.17
CA ILE C 74 -8.40 -11.20 -13.70
C ILE C 74 -7.50 -10.78 -12.51
N ARG C 75 -7.66 -9.55 -12.02
CA ARG C 75 -6.98 -9.10 -10.82
C ARG C 75 -7.68 -9.74 -9.58
N GLY C 76 -6.95 -9.93 -8.50
CA GLY C 76 -7.46 -10.50 -7.27
C GLY C 76 -8.68 -9.83 -6.66
N ASP C 77 -8.73 -8.49 -6.69
CA ASP C 77 -9.86 -7.72 -6.15
C ASP C 77 -11.14 -7.82 -7.05
N GLU C 78 -10.99 -8.35 -8.28
CA GLU C 78 -12.14 -8.59 -9.14
C GLU C 78 -12.73 -10.00 -8.99
N VAL C 79 -12.11 -10.89 -8.18
CA VAL C 79 -12.61 -12.24 -8.02
C VAL C 79 -14.04 -12.26 -7.43
N ARG C 80 -14.36 -11.29 -6.55
CA ARG C 80 -15.69 -11.10 -5.96
C ARG C 80 -16.76 -10.90 -7.07
N GLN C 81 -16.38 -10.37 -8.26
CA GLN C 81 -17.28 -10.17 -9.41
C GLN C 81 -17.68 -11.48 -10.09
N ILE C 82 -16.97 -12.59 -9.83
CA ILE C 82 -17.30 -13.87 -10.46
C ILE C 82 -18.22 -14.63 -9.51
N ALA C 83 -19.46 -14.11 -9.43
CA ALA C 83 -20.54 -14.55 -8.56
C ALA C 83 -21.85 -14.02 -9.14
N PRO C 84 -22.97 -14.74 -8.91
CA PRO C 84 -24.26 -14.24 -9.43
C PRO C 84 -24.64 -12.90 -8.80
N GLY C 85 -25.24 -12.05 -9.60
CA GLY C 85 -25.74 -10.76 -9.17
C GLY C 85 -24.71 -9.67 -8.91
N GLN C 86 -23.48 -9.84 -9.40
CA GLN C 86 -22.43 -8.84 -9.15
C GLN C 86 -22.29 -7.78 -10.23
N THR C 87 -21.72 -6.63 -9.87
CA THR C 87 -21.47 -5.49 -10.78
C THR C 87 -19.95 -5.19 -10.83
N GLY C 88 -19.55 -4.41 -11.80
CA GLY C 88 -18.16 -4.04 -12.02
C GLY C 88 -17.79 -4.20 -13.48
N LYS C 89 -16.59 -3.75 -13.86
CA LYS C 89 -16.13 -3.86 -15.25
C LYS C 89 -16.09 -5.31 -15.74
N ILE C 90 -15.79 -6.28 -14.87
CA ILE C 90 -15.73 -7.69 -15.26
C ILE C 90 -17.12 -8.31 -15.40
N ALA C 91 -17.96 -8.23 -14.34
CA ALA C 91 -19.30 -8.80 -14.38
C ALA C 91 -20.15 -8.14 -15.44
N ASP C 92 -19.99 -6.83 -15.64
CA ASP C 92 -20.76 -6.10 -16.62
C ASP C 92 -20.28 -6.28 -18.06
N TYR C 93 -18.96 -6.17 -18.31
CA TYR C 93 -18.47 -6.16 -19.69
C TYR C 93 -17.64 -7.32 -20.15
N ASN C 94 -17.29 -8.25 -19.26
CA ASN C 94 -16.40 -9.34 -19.65
C ASN C 94 -16.95 -10.76 -19.47
N TYR C 95 -17.38 -11.10 -18.26
CA TYR C 95 -17.85 -12.42 -17.94
C TYR C 95 -18.97 -12.27 -16.93
N LYS C 96 -20.18 -12.64 -17.33
CA LYS C 96 -21.38 -12.54 -16.51
C LYS C 96 -21.91 -13.90 -16.13
N LEU C 97 -22.21 -14.08 -14.85
CA LEU C 97 -22.83 -15.29 -14.32
C LEU C 97 -24.34 -15.04 -14.16
N PRO C 98 -25.19 -16.05 -14.41
CA PRO C 98 -26.63 -15.85 -14.22
C PRO C 98 -27.02 -15.81 -12.75
N ASP C 99 -28.17 -15.23 -12.44
CA ASP C 99 -28.66 -15.17 -11.05
C ASP C 99 -29.01 -16.57 -10.50
N ASP C 100 -29.45 -17.47 -11.38
CA ASP C 100 -29.86 -18.86 -11.11
C ASP C 100 -28.69 -19.85 -11.29
N PHE C 101 -27.46 -19.39 -11.01
CA PHE C 101 -26.22 -20.13 -11.21
C PHE C 101 -26.06 -21.40 -10.37
N THR C 102 -25.73 -22.49 -11.05
CA THR C 102 -25.44 -23.77 -10.41
C THR C 102 -24.03 -24.11 -10.87
N GLY C 103 -23.10 -24.10 -9.93
CA GLY C 103 -21.72 -24.39 -10.22
C GLY C 103 -20.75 -23.87 -9.18
N CYS C 104 -19.45 -24.03 -9.44
CA CYS C 104 -18.45 -23.53 -8.51
C CYS C 104 -17.49 -22.54 -9.19
N VAL C 105 -16.94 -21.66 -8.39
CA VAL C 105 -15.99 -20.67 -8.84
C VAL C 105 -14.70 -20.92 -8.06
N ILE C 106 -13.63 -21.31 -8.78
CA ILE C 106 -12.34 -21.62 -8.21
C ILE C 106 -11.29 -20.63 -8.71
N ALA C 107 -10.57 -19.99 -7.80
CA ALA C 107 -9.54 -19.03 -8.19
C ALA C 107 -8.27 -19.24 -7.38
N TRP C 108 -7.14 -18.90 -7.97
CA TRP C 108 -5.84 -19.04 -7.30
C TRP C 108 -4.87 -18.03 -7.83
N ASN C 109 -4.01 -17.56 -6.94
CA ASN C 109 -3.00 -16.55 -7.25
C ASN C 109 -2.01 -17.08 -8.26
N SER C 110 -1.81 -16.34 -9.35
CA SER C 110 -0.86 -16.74 -10.38
C SER C 110 0.22 -15.68 -10.62
N ASN C 111 0.61 -14.93 -9.56
CA ASN C 111 1.65 -13.90 -9.67
C ASN C 111 2.98 -14.49 -10.16
N ASN C 112 3.27 -15.76 -9.77
CA ASN C 112 4.49 -16.45 -10.19
C ASN C 112 4.58 -16.70 -11.70
N LEU C 113 3.44 -16.65 -12.41
CA LEU C 113 3.39 -16.95 -13.83
C LEU C 113 2.94 -15.80 -14.71
N ASP C 114 2.01 -14.99 -14.20
CA ASP C 114 1.39 -13.93 -15.01
C ASP C 114 1.92 -12.52 -14.72
N SER C 115 2.90 -12.36 -13.81
CA SER C 115 3.53 -11.06 -13.59
CA SER C 115 3.51 -11.04 -13.61
C SER C 115 4.86 -11.04 -14.30
N LYS C 116 5.34 -9.86 -14.69
CA LYS C 116 6.63 -9.72 -15.33
C LYS C 116 7.32 -8.51 -14.76
N VAL C 117 8.67 -8.48 -14.86
CA VAL C 117 9.48 -7.32 -14.47
C VAL C 117 9.08 -6.18 -15.41
N GLY C 118 8.82 -4.99 -14.85
CA GLY C 118 8.38 -3.88 -15.69
C GLY C 118 6.93 -3.98 -16.14
N GLY C 119 6.20 -4.97 -15.61
CA GLY C 119 4.79 -5.23 -15.88
C GLY C 119 4.55 -6.21 -17.02
N ASN C 120 3.52 -7.07 -16.87
CA ASN C 120 3.09 -7.95 -17.95
C ASN C 120 1.84 -7.31 -18.54
N TYR C 121 1.84 -7.02 -19.84
CA TYR C 121 0.70 -6.38 -20.48
C TYR C 121 -0.08 -7.31 -21.44
N ASN C 122 0.20 -8.61 -21.38
CA ASN C 122 -0.45 -9.61 -22.24
C ASN C 122 -1.95 -9.72 -21.98
N TYR C 123 -2.36 -9.65 -20.71
CA TYR C 123 -3.76 -9.79 -20.33
C TYR C 123 -4.56 -8.52 -20.48
N LEU C 124 -5.71 -8.65 -21.11
CA LEU C 124 -6.60 -7.52 -21.35
C LEU C 124 -7.97 -7.75 -20.73
N TYR C 125 -8.70 -6.66 -20.54
CA TYR C 125 -10.07 -6.69 -20.07
C TYR C 125 -10.84 -5.61 -20.87
N ARG C 126 -12.13 -5.84 -21.13
CA ARG C 126 -12.97 -4.86 -21.80
C ARG C 126 -13.35 -3.78 -20.81
N LEU C 127 -12.94 -2.55 -21.11
CA LEU C 127 -13.18 -1.40 -20.25
C LEU C 127 -14.47 -0.68 -20.62
N PHE C 128 -14.80 -0.61 -21.91
CA PHE C 128 -15.99 0.08 -22.37
C PHE C 128 -16.89 -0.82 -23.19
N ARG C 129 -18.20 -0.59 -23.11
CA ARG C 129 -19.21 -1.30 -23.88
C ARG C 129 -20.55 -0.54 -23.79
N LYS C 130 -21.35 -0.57 -24.86
CA LYS C 130 -22.65 0.11 -24.92
C LYS C 130 -23.65 -0.44 -23.90
N SER C 131 -23.67 -1.76 -23.70
CA SER C 131 -24.59 -2.40 -22.76
C SER C 131 -23.92 -3.53 -21.97
N ASN C 132 -24.52 -3.93 -20.84
CA ASN C 132 -23.99 -5.04 -20.06
C ASN C 132 -24.21 -6.37 -20.77
N LEU C 133 -23.31 -7.32 -20.55
CA LEU C 133 -23.38 -8.65 -21.14
C LEU C 133 -24.48 -9.47 -20.46
N LYS C 134 -25.05 -10.41 -21.21
CA LYS C 134 -26.04 -11.32 -20.68
C LYS C 134 -25.30 -12.57 -20.13
N PRO C 135 -25.90 -13.31 -19.17
CA PRO C 135 -25.21 -14.51 -18.65
C PRO C 135 -24.63 -15.43 -19.72
N PHE C 136 -23.30 -15.63 -19.66
CA PHE C 136 -22.47 -16.45 -20.55
C PHE C 136 -22.30 -15.88 -21.95
N GLU C 137 -22.47 -14.56 -22.12
CA GLU C 137 -22.25 -13.91 -23.41
C GLU C 137 -20.76 -13.59 -23.58
N ARG C 138 -20.24 -13.70 -24.81
CA ARG C 138 -18.83 -13.43 -25.06
C ARG C 138 -18.68 -12.33 -26.10
N ASP C 139 -17.81 -11.37 -25.87
CA ASP C 139 -17.59 -10.27 -26.80
C ASP C 139 -16.10 -10.09 -27.02
N ILE C 140 -15.61 -10.45 -28.20
CA ILE C 140 -14.21 -10.31 -28.53
C ILE C 140 -13.97 -9.23 -29.62
N SER C 141 -14.92 -8.30 -29.80
CA SER C 141 -14.82 -7.26 -30.82
C SER C 141 -13.82 -6.17 -30.46
N THR C 142 -13.12 -5.64 -31.47
CA THR C 142 -12.14 -4.57 -31.26
C THR C 142 -12.58 -3.26 -31.93
N GLU C 143 -13.89 -3.02 -32.06
CA GLU C 143 -14.39 -1.79 -32.67
C GLU C 143 -14.27 -0.62 -31.68
N ILE C 144 -13.80 0.55 -32.17
CA ILE C 144 -13.61 1.77 -31.37
C ILE C 144 -14.91 2.24 -30.70
N TYR C 145 -14.85 2.46 -29.38
CA TYR C 145 -15.97 2.91 -28.58
C TYR C 145 -16.24 4.39 -28.85
N GLN C 146 -17.48 4.70 -29.27
CA GLN C 146 -17.86 6.09 -29.53
C GLN C 146 -18.50 6.67 -28.27
N ALA C 147 -17.67 7.10 -27.32
CA ALA C 147 -18.13 7.67 -26.05
C ALA C 147 -18.83 9.01 -26.24
N GLY C 148 -18.42 9.77 -27.25
CA GLY C 148 -19.00 11.08 -27.53
C GLY C 148 -20.02 11.05 -28.65
N SER C 149 -20.26 12.22 -29.25
CA SER C 149 -21.23 12.37 -30.33
C SER C 149 -20.58 12.26 -31.71
N THR C 150 -19.35 12.76 -31.85
CA THR C 150 -18.63 12.72 -33.13
C THR C 150 -18.30 11.28 -33.55
N PRO C 151 -18.49 10.93 -34.84
CA PRO C 151 -18.18 9.56 -35.27
C PRO C 151 -16.68 9.30 -35.31
N CYS C 152 -16.26 8.16 -34.78
CA CYS C 152 -14.85 7.81 -34.71
C CYS C 152 -14.31 7.39 -36.07
N ASN C 153 -15.06 6.52 -36.77
CA ASN C 153 -14.70 5.95 -38.07
C ASN C 153 -13.42 5.12 -37.97
N GLY C 154 -13.33 4.29 -36.92
CA GLY C 154 -12.19 3.41 -36.68
C GLY C 154 -10.92 4.08 -36.21
N VAL C 155 -10.98 5.39 -35.89
CA VAL C 155 -9.80 6.11 -35.43
C VAL C 155 -9.90 6.48 -33.95
N GLU C 156 -8.77 6.46 -33.24
CA GLU C 156 -8.74 6.82 -31.83
C GLU C 156 -8.55 8.33 -31.68
N GLY C 157 -9.29 8.92 -30.76
CA GLY C 157 -9.23 10.35 -30.50
C GLY C 157 -10.07 10.76 -29.31
N PHE C 158 -10.38 12.07 -29.21
CA PHE C 158 -11.20 12.59 -28.10
C PHE C 158 -12.57 11.92 -28.06
N ASN C 159 -12.88 11.24 -26.94
CA ASN C 159 -14.13 10.51 -26.72
C ASN C 159 -14.34 9.35 -27.73
N CYS C 160 -13.23 8.79 -28.24
CA CYS C 160 -13.19 7.69 -29.22
C CYS C 160 -12.10 6.72 -28.76
N TYR C 161 -12.39 5.95 -27.71
CA TYR C 161 -11.41 5.06 -27.08
C TYR C 161 -11.42 3.63 -27.58
N PHE C 162 -10.28 2.92 -27.42
CA PHE C 162 -10.19 1.51 -27.75
C PHE C 162 -10.92 0.74 -26.63
N PRO C 163 -11.72 -0.30 -26.97
CA PRO C 163 -12.51 -0.98 -25.93
C PRO C 163 -11.73 -1.83 -24.92
N LEU C 164 -10.53 -2.28 -25.29
CA LEU C 164 -9.73 -3.10 -24.37
C LEU C 164 -8.65 -2.31 -23.65
N GLN C 165 -8.38 -2.72 -22.43
CA GLN C 165 -7.37 -2.10 -21.60
C GLN C 165 -6.51 -3.21 -21.00
N SER C 166 -5.21 -2.95 -20.87
CA SER C 166 -4.32 -3.93 -20.29
C SER C 166 -4.25 -3.82 -18.77
N TYR C 167 -3.98 -4.94 -18.13
CA TYR C 167 -3.86 -5.03 -16.69
C TYR C 167 -2.49 -4.55 -16.16
N GLY C 168 -1.43 -4.96 -16.83
CA GLY C 168 -0.08 -4.59 -16.38
C GLY C 168 0.29 -5.17 -15.04
N PHE C 169 0.37 -6.49 -14.97
CA PHE C 169 0.68 -7.16 -13.71
C PHE C 169 2.15 -7.00 -13.31
N GLN C 170 2.38 -6.37 -12.15
CA GLN C 170 3.68 -6.09 -11.59
C GLN C 170 3.95 -7.02 -10.42
N PRO C 171 5.17 -7.58 -10.31
CA PRO C 171 5.49 -8.43 -9.14
C PRO C 171 5.55 -7.67 -7.81
N THR C 172 5.56 -6.32 -7.85
CA THR C 172 5.58 -5.41 -6.70
C THR C 172 4.19 -5.19 -6.09
N ASN C 173 3.11 -5.55 -6.80
CA ASN C 173 1.73 -5.35 -6.33
C ASN C 173 1.36 -6.14 -5.08
N GLY C 174 0.40 -5.61 -4.31
CA GLY C 174 -0.17 -6.31 -3.16
C GLY C 174 -1.05 -7.47 -3.61
N VAL C 175 -1.34 -8.43 -2.71
CA VAL C 175 -2.13 -9.63 -3.06
C VAL C 175 -3.41 -9.35 -3.88
N GLY C 176 -4.10 -8.25 -3.57
CA GLY C 176 -5.33 -7.89 -4.26
C GLY C 176 -5.14 -7.40 -5.67
N TYR C 177 -3.94 -6.96 -6.02
CA TYR C 177 -3.66 -6.43 -7.36
C TYR C 177 -2.83 -7.39 -8.25
N GLN C 178 -2.57 -8.59 -7.74
CA GLN C 178 -1.84 -9.64 -8.44
C GLN C 178 -2.79 -10.41 -9.34
N PRO C 179 -2.28 -11.08 -10.39
CA PRO C 179 -3.17 -11.83 -11.28
C PRO C 179 -3.68 -13.10 -10.62
N TYR C 180 -4.91 -13.49 -10.95
CA TYR C 180 -5.54 -14.68 -10.45
C TYR C 180 -6.10 -15.47 -11.62
N ARG C 181 -5.83 -16.78 -11.62
CA ARG C 181 -6.33 -17.68 -12.66
C ARG C 181 -7.63 -18.20 -12.13
N VAL C 182 -8.68 -18.11 -12.95
CA VAL C 182 -10.03 -18.49 -12.55
C VAL C 182 -10.63 -19.61 -13.41
N VAL C 183 -11.28 -20.55 -12.74
CA VAL C 183 -12.03 -21.61 -13.40
C VAL C 183 -13.45 -21.56 -12.84
N VAL C 184 -14.44 -21.48 -13.73
CA VAL C 184 -15.85 -21.48 -13.37
C VAL C 184 -16.50 -22.77 -13.88
N LEU C 185 -17.03 -23.58 -12.97
CA LEU C 185 -17.69 -24.85 -13.32
C LEU C 185 -19.21 -24.64 -13.33
N SER C 186 -19.85 -24.88 -14.47
CA SER C 186 -21.29 -24.75 -14.63
C SER C 186 -21.90 -26.17 -14.64
N PHE C 187 -22.89 -26.41 -13.79
CA PHE C 187 -23.52 -27.72 -13.70
C PHE C 187 -24.93 -27.72 -14.30
N GLU C 188 -25.11 -28.50 -15.38
CA GLU C 188 -26.40 -28.63 -16.07
C GLU C 188 -27.09 -29.86 -15.52
N LEU C 189 -28.27 -29.68 -14.89
CA LEU C 189 -29.04 -30.79 -14.36
C LEU C 189 -30.38 -30.85 -15.12
N LEU C 190 -30.35 -31.43 -16.33
CA LEU C 190 -31.55 -31.59 -17.17
C LEU C 190 -32.33 -32.87 -16.81
N HIS C 191 -33.60 -32.97 -17.25
CA HIS C 191 -34.42 -34.16 -16.99
C HIS C 191 -34.12 -35.27 -18.02
N ALA C 192 -32.82 -35.56 -18.18
CA ALA C 192 -32.21 -36.51 -19.11
C ALA C 192 -31.04 -37.24 -18.39
N PRO C 193 -30.54 -38.39 -18.94
CA PRO C 193 -29.46 -39.09 -18.23
C PRO C 193 -28.20 -38.27 -18.08
N ALA C 194 -27.50 -38.49 -16.96
CA ALA C 194 -26.28 -37.81 -16.60
C ALA C 194 -25.09 -38.39 -17.34
N THR C 195 -24.16 -37.53 -17.73
CA THR C 195 -22.93 -37.97 -18.38
C THR C 195 -21.72 -37.77 -17.43
N VAL C 196 -21.82 -36.85 -16.44
CA VAL C 196 -20.73 -36.60 -15.52
C VAL C 196 -21.10 -37.00 -14.10
N CYS C 197 -20.37 -37.95 -13.50
CA CYS C 197 -20.62 -38.38 -12.13
C CYS C 197 -19.31 -38.42 -11.34
N GLY C 198 -19.39 -38.35 -10.02
CA GLY C 198 -18.20 -38.44 -9.17
C GLY C 198 -17.81 -39.88 -8.89
N PRO C 199 -16.83 -40.08 -7.99
CA PRO C 199 -16.42 -41.46 -7.65
C PRO C 199 -17.30 -42.05 -6.56
N PCA D 1 -36.71 -8.03 13.14
CA PCA D 1 -36.03 -6.94 12.45
CB PCA D 1 -37.14 -6.13 11.77
CG PCA D 1 -38.30 -6.31 12.79
CD PCA D 1 -37.95 -7.62 13.49
OE PCA D 1 -38.68 -8.25 14.27
C PCA D 1 -35.18 -6.10 13.41
O PCA D 1 -35.55 -5.86 14.57
N ILE D 2 -34.01 -5.67 12.92
CA ILE D 2 -33.11 -4.86 13.73
C ILE D 2 -33.66 -3.46 13.80
N THR D 3 -34.00 -3.01 15.02
CA THR D 3 -34.54 -1.69 15.23
C THR D 3 -33.79 -1.01 16.36
N LEU D 4 -33.58 0.31 16.23
CA LEU D 4 -32.88 1.14 17.23
C LEU D 4 -33.70 2.42 17.43
N LYS D 5 -33.82 2.87 18.70
CA LYS D 5 -34.60 4.07 18.99
C LYS D 5 -33.96 4.95 20.04
N GLU D 6 -33.76 6.21 19.70
CA GLU D 6 -33.17 7.21 20.58
C GLU D 6 -34.25 7.84 21.49
N SER D 7 -33.84 8.19 22.69
CA SER D 7 -34.69 8.86 23.68
C SER D 7 -33.82 9.77 24.55
N GLY D 8 -34.44 10.81 25.07
CA GLY D 8 -33.71 11.77 25.89
C GLY D 8 -34.31 13.17 25.81
N PRO D 9 -33.66 14.12 26.50
CA PRO D 9 -34.19 15.49 26.51
C PRO D 9 -34.09 16.18 25.16
N THR D 10 -35.12 16.96 24.82
CA THR D 10 -35.14 17.73 23.59
C THR D 10 -34.41 19.09 23.76
N LEU D 11 -34.25 19.57 25.01
CA LEU D 11 -33.62 20.86 25.26
C LEU D 11 -32.63 20.77 26.41
N VAL D 12 -31.40 21.24 26.17
CA VAL D 12 -30.34 21.28 27.18
C VAL D 12 -29.63 22.63 27.13
N LYS D 13 -29.20 23.14 28.28
CA LYS D 13 -28.54 24.43 28.35
C LYS D 13 -27.03 24.25 28.24
N PRO D 14 -26.29 25.24 27.70
CA PRO D 14 -24.83 25.10 27.63
C PRO D 14 -24.19 24.79 28.99
N THR D 15 -23.02 24.10 28.99
CA THR D 15 -22.25 23.59 30.14
C THR D 15 -22.87 22.32 30.76
N GLN D 16 -24.16 22.07 30.53
CA GLN D 16 -24.84 20.88 31.06
C GLN D 16 -24.38 19.59 30.34
N THR D 17 -24.83 18.44 30.84
CA THR D 17 -24.51 17.15 30.29
C THR D 17 -25.72 16.55 29.60
N LEU D 18 -25.54 16.16 28.34
CA LEU D 18 -26.62 15.56 27.57
C LEU D 18 -26.55 14.05 27.68
N THR D 19 -27.63 13.41 28.12
CA THR D 19 -27.68 11.96 28.23
C THR D 19 -28.70 11.40 27.26
N LEU D 20 -28.25 10.58 26.31
CA LEU D 20 -29.15 9.97 25.34
C LEU D 20 -29.11 8.45 25.49
N THR D 21 -30.23 7.81 25.27
CA THR D 21 -30.33 6.36 25.40
C THR D 21 -30.78 5.77 24.09
N CYS D 22 -30.26 4.61 23.74
CA CYS D 22 -30.62 3.92 22.52
C CYS D 22 -31.22 2.60 22.94
N THR D 23 -32.49 2.36 22.63
CA THR D 23 -33.13 1.12 22.97
C THR D 23 -33.24 0.33 21.69
N PHE D 24 -32.58 -0.82 21.66
CA PHE D 24 -32.55 -1.65 20.47
C PHE D 24 -33.26 -2.97 20.65
N SER D 25 -33.57 -3.63 19.53
CA SER D 25 -34.21 -4.95 19.49
C SER D 25 -33.95 -5.61 18.13
N GLY D 26 -34.10 -6.92 18.06
CA GLY D 26 -33.88 -7.67 16.82
C GLY D 26 -32.49 -8.26 16.67
N PHE D 27 -31.60 -7.99 17.63
CA PHE D 27 -30.23 -8.48 17.62
C PHE D 27 -29.64 -8.48 19.04
N SER D 28 -28.53 -9.19 19.22
CA SER D 28 -27.86 -9.24 20.49
C SER D 28 -26.54 -8.47 20.44
N LEU D 29 -26.25 -7.67 21.47
CA LEU D 29 -24.99 -6.95 21.57
C LEU D 29 -24.01 -7.79 22.43
N SER D 30 -23.97 -9.10 22.14
CA SER D 30 -23.13 -10.10 22.80
C SER D 30 -22.34 -10.88 21.73
N ILE D 31 -22.97 -11.11 20.55
CA ILE D 31 -22.41 -11.80 19.40
C ILE D 31 -21.21 -11.03 18.90
N SER D 32 -20.13 -11.74 18.57
CA SER D 32 -18.88 -11.15 18.08
C SER D 32 -19.08 -10.40 16.77
N GLY D 33 -18.34 -9.31 16.59
CA GLY D 33 -18.41 -8.48 15.40
C GLY D 33 -19.58 -7.50 15.36
N VAL D 34 -20.29 -7.36 16.48
CA VAL D 34 -21.43 -6.45 16.57
C VAL D 34 -21.10 -5.25 17.45
N GLY D 35 -21.67 -4.11 17.11
CA GLY D 35 -21.51 -2.88 17.87
C GLY D 35 -22.69 -1.95 17.71
N VAL D 36 -22.73 -0.88 18.52
CA VAL D 36 -23.76 0.13 18.41
C VAL D 36 -23.09 1.50 18.44
N GLY D 37 -23.36 2.32 17.42
CA GLY D 37 -22.76 3.65 17.36
C GLY D 37 -23.71 4.79 17.63
N TRP D 38 -23.13 5.94 17.98
CA TRP D 38 -23.84 7.18 18.19
C TRP D 38 -23.24 8.17 17.23
N LEU D 39 -24.10 8.79 16.45
CA LEU D 39 -23.73 9.78 15.47
C LEU D 39 -24.65 11.00 15.62
N ARG D 40 -24.34 12.09 14.92
CA ARG D 40 -25.17 13.28 14.93
C ARG D 40 -25.15 14.03 13.59
N GLN D 41 -26.15 14.88 13.40
CA GLN D 41 -26.25 15.69 12.19
C GLN D 41 -26.78 17.05 12.55
N PRO D 42 -25.91 18.07 12.59
CA PRO D 42 -26.41 19.44 12.80
C PRO D 42 -27.31 19.84 11.62
N PRO D 43 -28.35 20.65 11.87
CA PRO D 43 -29.28 21.02 10.79
C PRO D 43 -28.58 21.62 9.56
N GLY D 44 -28.85 21.03 8.40
CA GLY D 44 -28.25 21.41 7.12
C GLY D 44 -26.78 21.05 6.98
N LYS D 45 -26.23 20.25 7.93
CA LYS D 45 -24.81 19.89 7.88
C LYS D 45 -24.62 18.38 7.63
N ALA D 46 -23.36 17.93 7.59
CA ALA D 46 -23.04 16.53 7.31
C ALA D 46 -23.11 15.62 8.54
N LEU D 47 -23.30 14.31 8.31
CA LEU D 47 -23.31 13.29 9.34
C LEU D 47 -21.91 13.26 9.99
N GLU D 48 -21.86 12.93 11.28
CA GLU D 48 -20.62 12.90 12.02
C GLU D 48 -20.70 11.81 13.09
N TRP D 49 -19.68 10.95 13.19
CA TRP D 49 -19.65 9.88 14.17
C TRP D 49 -19.08 10.39 15.45
N LEU D 50 -19.71 9.99 16.58
CA LEU D 50 -19.28 10.40 17.91
C LEU D 50 -18.62 9.26 18.71
N ALA D 51 -19.33 8.14 18.87
CA ALA D 51 -18.89 7.05 19.71
C ALA D 51 -19.38 5.69 19.19
N LEU D 52 -18.78 4.60 19.68
CA LEU D 52 -19.13 3.24 19.29
C LEU D 52 -18.75 2.28 20.43
N ILE D 53 -19.59 1.27 20.68
CA ILE D 53 -19.31 0.29 21.72
C ILE D 53 -19.49 -1.11 21.12
N TYR D 54 -18.51 -2.01 21.37
CA TYR D 54 -18.59 -3.36 20.80
C TYR D 54 -19.21 -4.39 21.77
N TRP D 55 -19.56 -5.58 21.26
CA TRP D 55 -20.11 -6.70 22.02
C TRP D 55 -19.28 -7.01 23.29
N ASP D 56 -17.95 -6.79 23.21
CA ASP D 56 -17.02 -7.08 24.30
C ASP D 56 -16.72 -5.89 25.23
N ASP D 57 -17.49 -4.79 25.11
CA ASP D 57 -17.37 -3.56 25.90
C ASP D 57 -16.17 -2.67 25.50
N ASP D 58 -15.54 -2.94 24.35
CA ASP D 58 -14.45 -2.11 23.86
C ASP D 58 -15.08 -0.81 23.28
N LYS D 59 -14.63 0.36 23.75
CA LYS D 59 -15.22 1.65 23.35
C LYS D 59 -14.35 2.50 22.47
N ARG D 60 -14.96 3.09 21.43
CA ARG D 60 -14.26 3.96 20.50
C ARG D 60 -14.94 5.32 20.42
N TYR D 61 -14.14 6.37 20.35
CA TYR D 61 -14.63 7.74 20.33
C TYR D 61 -13.98 8.55 19.26
N SER D 62 -14.66 9.64 18.85
CA SER D 62 -14.14 10.66 17.94
C SER D 62 -12.97 11.30 18.67
N PRO D 63 -11.74 11.23 18.14
CA PRO D 63 -10.59 11.81 18.85
C PRO D 63 -10.77 13.28 19.28
N SER D 64 -11.44 14.11 18.46
CA SER D 64 -11.66 15.52 18.78
C SER D 64 -12.71 15.75 19.87
N LEU D 65 -13.55 14.75 20.18
CA LEU D 65 -14.57 14.91 21.23
C LEU D 65 -14.48 13.88 22.36
N LYS D 66 -13.43 13.04 22.36
CA LYS D 66 -13.21 11.97 23.33
C LYS D 66 -13.28 12.43 24.80
N SER D 67 -12.70 13.59 25.12
CA SER D 67 -12.71 14.12 26.49
C SER D 67 -14.12 14.41 27.02
N ARG D 68 -15.09 14.66 26.12
CA ARG D 68 -16.47 14.94 26.54
C ARG D 68 -17.43 13.80 26.30
N LEU D 69 -16.99 12.67 25.71
CA LEU D 69 -17.90 11.57 25.40
C LEU D 69 -17.68 10.34 26.27
N THR D 70 -18.78 9.69 26.68
CA THR D 70 -18.76 8.48 27.48
C THR D 70 -19.89 7.54 27.03
N ILE D 71 -19.54 6.39 26.45
CA ILE D 71 -20.51 5.42 26.00
C ILE D 71 -20.56 4.21 26.96
N SER D 72 -21.71 3.57 27.07
CA SER D 72 -21.90 2.41 27.95
C SER D 72 -23.07 1.55 27.43
N LYS D 73 -23.13 0.29 27.85
CA LYS D 73 -24.19 -0.62 27.41
C LYS D 73 -24.81 -1.34 28.60
N ASP D 74 -26.06 -1.78 28.44
CA ASP D 74 -26.73 -2.57 29.47
C ASP D 74 -27.38 -3.70 28.70
N THR D 75 -26.68 -4.83 28.62
CA THR D 75 -27.09 -6.02 27.89
C THR D 75 -28.51 -6.49 28.26
N SER D 76 -28.86 -6.40 29.55
CA SER D 76 -30.16 -6.82 30.08
C SER D 76 -31.31 -5.91 29.63
N LYS D 77 -31.08 -4.58 29.65
CA LYS D 77 -32.10 -3.60 29.27
C LYS D 77 -32.15 -3.27 27.77
N ASN D 78 -31.17 -3.77 26.98
CA ASN D 78 -31.06 -3.50 25.55
C ASN D 78 -30.88 -2.00 25.30
N GLN D 79 -30.03 -1.38 26.12
CA GLN D 79 -29.79 0.05 26.02
C GLN D 79 -28.33 0.36 25.84
N VAL D 80 -28.04 1.43 25.09
CA VAL D 80 -26.69 1.95 24.89
C VAL D 80 -26.82 3.44 25.21
N VAL D 81 -26.11 3.90 26.21
CA VAL D 81 -26.20 5.27 26.66
C VAL D 81 -24.99 6.09 26.27
N LEU D 82 -25.22 7.31 25.77
CA LEU D 82 -24.14 8.23 25.46
C LEU D 82 -24.30 9.45 26.34
N LYS D 83 -23.21 9.88 26.98
CA LYS D 83 -23.20 11.07 27.82
C LYS D 83 -22.25 12.07 27.21
N MET D 84 -22.68 13.32 27.04
CA MET D 84 -21.83 14.35 26.46
C MET D 84 -21.75 15.52 27.43
N THR D 85 -20.58 15.73 28.05
CA THR D 85 -20.38 16.79 29.02
C THR D 85 -20.07 18.13 28.36
N ASN D 86 -20.23 19.23 29.13
CA ASN D 86 -19.97 20.61 28.69
C ASN D 86 -20.57 20.93 27.33
N ILE D 87 -21.88 20.71 27.20
CA ILE D 87 -22.58 20.95 25.96
C ILE D 87 -22.47 22.44 25.52
N ASP D 88 -22.46 22.67 24.23
CA ASP D 88 -22.26 24.00 23.64
C ASP D 88 -23.31 24.25 22.54
N PRO D 89 -23.66 25.52 22.18
CA PRO D 89 -24.64 25.75 21.11
C PRO D 89 -24.40 24.97 19.80
N VAL D 90 -23.11 24.74 19.44
CA VAL D 90 -22.80 23.98 18.22
C VAL D 90 -23.16 22.47 18.31
N ASP D 91 -23.60 22.01 19.49
CA ASP D 91 -24.03 20.64 19.68
C ASP D 91 -25.52 20.43 19.37
N THR D 92 -26.24 21.47 18.91
CA THR D 92 -27.64 21.36 18.47
C THR D 92 -27.59 20.51 17.19
N ALA D 93 -28.23 19.33 17.22
CA ALA D 93 -28.17 18.40 16.09
C ALA D 93 -29.22 17.28 16.27
N THR D 94 -29.51 16.52 15.21
CA THR D 94 -30.32 15.31 15.35
C THR D 94 -29.32 14.20 15.73
N TYR D 95 -29.55 13.52 16.85
CA TYR D 95 -28.67 12.47 17.33
C TYR D 95 -29.22 11.15 16.90
N TYR D 96 -28.37 10.33 16.29
CA TYR D 96 -28.76 9.02 15.79
C TYR D 96 -27.99 7.91 16.47
N CYS D 97 -28.62 6.76 16.63
CA CYS D 97 -27.95 5.56 17.07
C CYS D 97 -28.15 4.49 15.99
N ALA D 98 -27.10 3.71 15.70
CA ALA D 98 -27.16 2.76 14.60
C ALA D 98 -26.41 1.47 14.89
N HIS D 99 -26.78 0.40 14.19
CA HIS D 99 -26.17 -0.90 14.29
C HIS D 99 -24.84 -0.86 13.55
N HIS D 100 -23.76 -1.36 14.16
CA HIS D 100 -22.44 -1.39 13.54
C HIS D 100 -21.93 -2.80 13.30
N SER D 101 -21.34 -2.98 12.12
CA SER D 101 -20.56 -4.14 11.69
C SER D 101 -19.44 -3.52 10.85
N ILE D 102 -18.24 -4.13 10.87
CA ILE D 102 -17.09 -3.63 10.12
C ILE D 102 -17.40 -3.43 8.63
N SER D 103 -18.08 -4.39 8.01
CA SER D 103 -18.36 -4.34 6.58
C SER D 103 -19.39 -3.32 6.14
N THR D 104 -20.40 -3.02 6.97
CA THR D 104 -21.41 -2.02 6.60
C THR D 104 -21.10 -0.64 7.17
N ILE D 105 -20.23 -0.54 8.18
CA ILE D 105 -19.93 0.67 8.96
C ILE D 105 -21.15 0.95 9.87
N PHE D 106 -22.30 1.37 9.30
CA PHE D 106 -23.53 1.58 10.07
C PHE D 106 -24.71 1.23 9.20
N ASP D 107 -25.63 0.48 9.74
CA ASP D 107 -26.86 0.11 9.04
C ASP D 107 -28.03 0.22 10.04
N HIS D 108 -29.28 0.14 9.56
CA HIS D 108 -30.44 0.21 10.46
C HIS D 108 -30.41 1.39 11.45
N TRP D 109 -30.25 2.60 10.94
CA TRP D 109 -30.21 3.79 11.76
C TRP D 109 -31.55 4.03 12.45
N GLY D 110 -31.52 4.68 13.62
CA GLY D 110 -32.76 5.08 14.28
C GLY D 110 -33.36 6.30 13.59
N GLN D 111 -34.59 6.70 13.96
CA GLN D 111 -35.26 7.87 13.39
C GLN D 111 -34.57 9.20 13.74
N GLY D 112 -33.89 9.23 14.87
CA GLY D 112 -33.17 10.41 15.31
C GLY D 112 -33.92 11.22 16.33
N THR D 113 -33.21 12.04 17.09
CA THR D 113 -33.82 12.88 18.10
C THR D 113 -33.15 14.23 18.01
N LEU D 114 -33.91 15.26 17.63
CA LEU D 114 -33.37 16.61 17.53
C LEU D 114 -33.15 17.12 18.94
N VAL D 115 -31.93 17.49 19.25
CA VAL D 115 -31.59 18.02 20.54
C VAL D 115 -31.20 19.48 20.33
N THR D 116 -31.88 20.38 21.03
CA THR D 116 -31.62 21.81 20.92
C THR D 116 -30.80 22.26 22.12
N VAL D 117 -29.75 23.04 21.86
CA VAL D 117 -28.93 23.57 22.92
C VAL D 117 -29.14 25.05 22.96
N SER D 118 -29.71 25.53 24.08
CA SER D 118 -30.00 26.94 24.24
C SER D 118 -30.08 27.31 25.72
N SER D 119 -29.57 28.48 26.07
CA SER D 119 -29.70 29.00 27.43
C SER D 119 -30.99 29.85 27.61
N ALA D 120 -31.66 30.20 26.50
CA ALA D 120 -32.85 31.04 26.48
C ALA D 120 -34.05 30.52 27.25
N SER D 121 -34.73 31.46 27.90
CA SER D 121 -35.98 31.18 28.58
C SER D 121 -37.10 31.65 27.64
N THR D 122 -38.38 31.34 27.94
CA THR D 122 -39.49 31.74 27.10
C THR D 122 -39.49 33.27 26.81
N LYS D 123 -39.49 33.61 25.53
CA LYS D 123 -39.44 34.98 25.05
C LYS D 123 -40.32 35.13 23.82
N GLY D 124 -41.17 36.14 23.84
CA GLY D 124 -42.02 36.47 22.71
C GLY D 124 -41.18 37.17 21.65
N PRO D 125 -41.66 37.18 20.40
CA PRO D 125 -40.87 37.76 19.32
C PRO D 125 -40.96 39.27 19.15
N SER D 126 -39.94 39.82 18.50
CA SER D 126 -39.90 41.20 18.07
C SER D 126 -40.27 41.13 16.56
N VAL D 127 -41.19 42.00 16.10
CA VAL D 127 -41.61 41.98 14.72
C VAL D 127 -41.22 43.27 14.03
N PHE D 128 -40.36 43.14 13.01
CA PHE D 128 -39.87 44.29 12.28
C PHE D 128 -40.38 44.27 10.86
N PRO D 129 -40.64 45.45 10.25
CA PRO D 129 -41.12 45.45 8.86
C PRO D 129 -40.03 45.16 7.83
N LEU D 130 -40.41 44.50 6.74
CA LEU D 130 -39.58 44.23 5.57
C LEU D 130 -40.24 45.01 4.43
N ALA D 131 -39.63 46.12 4.05
CA ALA D 131 -40.14 46.99 3.00
C ALA D 131 -38.97 47.45 2.13
N PRO D 132 -39.20 47.64 0.83
CA PRO D 132 -38.12 48.15 -0.04
C PRO D 132 -37.73 49.60 0.28
N CYS D 133 -36.62 50.09 -0.31
CA CYS D 133 -36.19 51.47 -0.09
C CYS D 133 -37.13 52.54 -0.66
N SER D 134 -37.29 52.58 -2.00
CA SER D 134 -38.13 53.56 -2.69
C SER D 134 -39.32 52.86 -3.36
N THR D 141 -45.67 45.46 -9.05
CA THR D 141 -45.60 44.28 -8.16
C THR D 141 -44.42 44.36 -7.14
N ALA D 142 -44.75 44.67 -5.88
CA ALA D 142 -43.82 44.77 -4.77
C ALA D 142 -43.85 43.52 -3.84
N ALA D 143 -42.83 43.38 -2.98
CA ALA D 143 -42.77 42.35 -1.99
C ALA D 143 -42.66 43.07 -0.64
N LEU D 144 -43.43 42.61 0.31
CA LEU D 144 -43.45 43.13 1.67
C LEU D 144 -43.28 41.95 2.64
N GLY D 145 -43.03 42.24 3.90
CA GLY D 145 -42.94 41.19 4.90
C GLY D 145 -42.67 41.61 6.31
N CYS D 146 -42.42 40.63 7.17
CA CYS D 146 -42.11 40.85 8.59
CA CYS D 146 -42.01 40.94 8.52
C CYS D 146 -40.99 39.94 9.04
N LEU D 147 -40.00 40.49 9.72
CA LEU D 147 -38.92 39.74 10.30
C LEU D 147 -39.35 39.47 11.76
N VAL D 148 -39.55 38.19 12.09
CA VAL D 148 -39.98 37.72 13.41
C VAL D 148 -38.71 37.22 14.08
N LYS D 149 -38.12 38.08 14.90
CA LYS D 149 -36.83 37.87 15.52
C LYS D 149 -36.86 37.63 17.03
N ASP D 150 -35.90 36.83 17.49
CA ASP D 150 -35.56 36.54 18.88
C ASP D 150 -36.68 36.02 19.78
N TYR D 151 -37.22 34.85 19.44
CA TYR D 151 -38.26 34.21 20.24
C TYR D 151 -37.86 32.82 20.68
N PHE D 152 -38.46 32.35 21.77
CA PHE D 152 -38.16 31.05 22.32
C PHE D 152 -39.31 30.57 23.17
N PRO D 153 -39.72 29.31 23.06
CA PRO D 153 -39.25 28.31 22.10
C PRO D 153 -40.08 28.38 20.80
N GLU D 154 -39.97 27.36 19.95
CA GLU D 154 -40.80 27.25 18.78
C GLU D 154 -42.18 26.76 19.25
N PRO D 155 -43.26 27.10 18.53
CA PRO D 155 -43.30 27.81 17.25
C PRO D 155 -44.01 29.18 17.30
N VAL D 156 -43.93 29.90 16.18
CA VAL D 156 -44.74 31.07 15.95
C VAL D 156 -45.59 30.73 14.72
N THR D 157 -46.78 31.31 14.63
CA THR D 157 -47.58 31.21 13.43
C THR D 157 -47.68 32.64 12.86
N VAL D 158 -47.71 32.75 11.52
CA VAL D 158 -47.82 34.03 10.88
C VAL D 158 -48.98 33.99 9.93
N SER D 159 -49.80 35.02 9.93
CA SER D 159 -50.87 35.20 8.96
C SER D 159 -50.84 36.66 8.48
N TRP D 160 -51.57 36.94 7.40
CA TRP D 160 -51.61 38.28 6.85
C TRP D 160 -53.04 38.74 6.76
N ASN D 161 -53.32 39.98 7.18
CA ASN D 161 -54.66 40.56 7.14
C ASN D 161 -55.71 39.63 7.77
N SER D 162 -55.37 39.06 8.94
CA SER D 162 -56.16 38.14 9.76
C SER D 162 -56.59 36.87 9.04
N GLY D 163 -55.83 36.46 8.02
CA GLY D 163 -56.11 35.25 7.27
C GLY D 163 -56.72 35.50 5.89
N ALA D 164 -57.07 36.75 5.58
CA ALA D 164 -57.66 37.07 4.27
C ALA D 164 -56.61 37.14 3.14
N LEU D 165 -55.32 37.19 3.47
CA LEU D 165 -54.27 37.24 2.48
C LEU D 165 -53.43 35.99 2.62
N THR D 166 -53.65 35.04 1.70
CA THR D 166 -52.97 33.75 1.64
C THR D 166 -52.18 33.56 0.35
N SER D 167 -52.62 34.21 -0.73
CA SER D 167 -51.96 34.07 -2.02
C SER D 167 -50.67 34.85 -2.09
N GLY D 168 -49.59 34.16 -2.47
CA GLY D 168 -48.29 34.77 -2.57
C GLY D 168 -47.55 34.92 -1.25
N VAL D 169 -48.00 34.21 -0.21
CA VAL D 169 -47.36 34.30 1.10
C VAL D 169 -46.34 33.20 1.28
N HIS D 170 -45.12 33.58 1.68
CA HIS D 170 -44.09 32.60 1.97
C HIS D 170 -43.61 32.82 3.39
N THR D 171 -43.90 31.88 4.30
CA THR D 171 -43.43 31.96 5.66
C THR D 171 -42.30 30.94 5.79
N PHE D 172 -41.08 31.42 5.90
CA PHE D 172 -39.91 30.59 5.97
C PHE D 172 -39.82 29.83 7.28
N PRO D 173 -39.16 28.65 7.30
CA PRO D 173 -38.98 27.95 8.59
C PRO D 173 -38.02 28.73 9.51
N ALA D 174 -38.10 28.44 10.79
CA ALA D 174 -37.26 29.09 11.78
C ALA D 174 -35.83 28.60 11.76
N VAL D 175 -34.90 29.48 12.15
CA VAL D 175 -33.51 29.11 12.35
C VAL D 175 -33.10 29.55 13.75
N LEU D 176 -32.37 28.69 14.44
CA LEU D 176 -31.84 28.94 15.77
C LEU D 176 -30.58 29.72 15.59
N GLN D 177 -30.57 30.98 16.03
CA GLN D 177 -29.41 31.85 15.91
C GLN D 177 -28.34 31.50 16.97
N SER D 178 -27.12 32.03 16.82
CA SER D 178 -26.03 31.77 17.80
C SER D 178 -26.39 32.23 19.23
N SER D 179 -27.39 33.13 19.35
CA SER D 179 -27.89 33.64 20.64
C SER D 179 -28.75 32.62 21.41
N GLY D 180 -29.17 31.55 20.75
CA GLY D 180 -30.05 30.58 21.37
C GLY D 180 -31.52 30.88 21.14
N LEU D 181 -31.83 31.96 20.39
CA LEU D 181 -33.18 32.41 20.07
C LEU D 181 -33.50 32.14 18.59
N TYR D 182 -34.78 31.93 18.27
CA TYR D 182 -35.19 31.67 16.89
C TYR D 182 -35.48 32.94 16.10
N SER D 183 -35.50 32.80 14.77
CA SER D 183 -35.79 33.88 13.85
C SER D 183 -36.36 33.32 12.56
N LEU D 184 -37.22 34.09 11.93
CA LEU D 184 -37.79 33.76 10.63
C LEU D 184 -38.39 34.99 9.95
N SER D 185 -38.56 34.94 8.62
CA SER D 185 -39.25 36.00 7.90
C SER D 185 -40.51 35.41 7.24
N SER D 186 -41.50 36.27 7.05
CA SER D 186 -42.72 35.95 6.33
C SER D 186 -42.84 37.03 5.28
N VAL D 187 -43.00 36.65 4.02
CA VAL D 187 -43.11 37.63 2.94
C VAL D 187 -44.39 37.44 2.12
N VAL D 188 -44.81 38.47 1.40
CA VAL D 188 -45.98 38.41 0.53
C VAL D 188 -45.77 39.34 -0.69
N THR D 189 -46.24 38.92 -1.89
CA THR D 189 -46.14 39.78 -3.07
C THR D 189 -47.47 40.46 -3.27
N VAL D 190 -47.44 41.79 -3.41
CA VAL D 190 -48.60 42.64 -3.60
C VAL D 190 -48.42 43.54 -4.87
N PRO D 191 -49.47 44.21 -5.38
CA PRO D 191 -49.26 45.10 -6.53
C PRO D 191 -48.75 46.47 -6.10
N SER D 192 -47.93 47.12 -6.97
CA SER D 192 -47.42 48.47 -6.68
C SER D 192 -48.48 49.57 -6.97
N LYS D 198 -54.43 49.88 -0.22
CA LYS D 198 -54.40 48.61 0.49
C LYS D 198 -53.37 48.61 1.64
N THR D 199 -53.82 48.21 2.85
CA THR D 199 -52.98 48.08 4.05
C THR D 199 -52.56 46.62 4.23
N TYR D 200 -51.32 46.37 4.71
CA TYR D 200 -50.82 44.99 4.91
C TYR D 200 -50.31 44.77 6.30
N THR D 201 -50.92 43.82 7.02
CA THR D 201 -50.58 43.55 8.40
C THR D 201 -50.22 42.11 8.61
N CYS D 202 -49.08 41.84 9.26
CA CYS D 202 -48.74 40.47 9.61
C CYS D 202 -49.10 40.20 11.07
N ASN D 203 -49.73 39.07 11.30
CA ASN D 203 -50.22 38.68 12.61
C ASN D 203 -49.38 37.55 13.10
N VAL D 204 -48.51 37.83 14.06
CA VAL D 204 -47.60 36.85 14.63
C VAL D 204 -48.11 36.33 15.96
N ASP D 205 -48.33 35.02 16.06
CA ASP D 205 -48.79 34.44 17.30
C ASP D 205 -47.72 33.55 17.87
N HIS D 206 -47.41 33.71 19.13
CA HIS D 206 -46.41 32.90 19.80
C HIS D 206 -47.09 32.37 21.04
N LYS D 207 -47.82 31.25 20.89
CA LYS D 207 -48.55 30.63 21.99
C LYS D 207 -47.69 30.32 23.21
N PRO D 208 -46.45 29.78 23.10
CA PRO D 208 -45.66 29.54 24.34
C PRO D 208 -45.57 30.71 25.31
N SER D 209 -45.47 31.97 24.83
CA SER D 209 -45.40 33.12 25.74
C SER D 209 -46.69 33.95 25.77
N ASN D 210 -47.81 33.42 25.25
CA ASN D 210 -49.11 34.08 25.18
C ASN D 210 -49.00 35.53 24.63
N THR D 211 -48.20 35.69 23.55
CA THR D 211 -47.92 36.97 22.89
C THR D 211 -48.42 36.96 21.47
N LYS D 212 -49.15 38.00 21.08
CA LYS D 212 -49.62 38.19 19.72
C LYS D 212 -49.11 39.57 19.23
N VAL D 213 -48.52 39.65 18.04
CA VAL D 213 -48.02 40.91 17.51
C VAL D 213 -48.66 41.17 16.16
N ASP D 214 -49.24 42.36 15.96
CA ASP D 214 -49.81 42.75 14.68
C ASP D 214 -48.96 43.92 14.18
N LYS D 215 -48.25 43.71 13.07
CA LYS D 215 -47.38 44.74 12.53
C LYS D 215 -47.90 45.22 11.21
N ARG D 216 -48.21 46.50 11.11
CA ARG D 216 -48.67 47.12 9.87
C ARG D 216 -47.44 47.49 9.06
N VAL D 217 -47.37 47.00 7.81
CA VAL D 217 -46.23 47.23 6.92
C VAL D 217 -46.60 48.21 5.81
N HIS D 218 -45.86 49.31 5.73
CA HIS D 218 -46.12 50.36 4.75
C HIS D 218 -45.37 50.10 3.44
N HIS D 219 -46.14 50.08 2.33
CA HIS D 219 -45.61 49.86 0.99
C HIS D 219 -44.78 51.08 0.49
N SER E 2 -11.90 17.43 6.32
CA SER E 2 -12.49 16.09 6.31
C SER E 2 -11.74 15.13 5.36
N ALA E 3 -11.59 13.86 5.78
CA ALA E 3 -10.90 12.83 5.01
C ALA E 3 -11.59 12.42 3.70
N LEU E 4 -12.88 12.74 3.50
CA LEU E 4 -13.57 12.35 2.27
C LEU E 4 -14.20 13.57 1.60
N THR E 5 -14.07 13.68 0.28
CA THR E 5 -14.60 14.81 -0.47
C THR E 5 -15.61 14.38 -1.51
N GLN E 6 -16.77 15.03 -1.51
CA GLN E 6 -17.83 14.78 -2.47
C GLN E 6 -18.24 16.09 -3.13
N PRO E 7 -18.76 16.07 -4.38
CA PRO E 7 -19.33 17.30 -4.95
C PRO E 7 -20.55 17.75 -4.13
N ALA E 8 -20.71 19.06 -3.89
CA ALA E 8 -21.84 19.55 -3.09
C ALA E 8 -23.20 19.23 -3.73
N SER E 9 -23.23 19.17 -5.06
CA SER E 9 -24.46 18.86 -5.76
C SER E 9 -24.23 18.27 -7.14
N VAL E 10 -25.18 17.45 -7.57
CA VAL E 10 -25.19 16.76 -8.86
C VAL E 10 -26.65 16.82 -9.36
N SER E 11 -26.86 16.95 -10.67
CA SER E 11 -28.22 16.96 -11.19
C SER E 11 -28.36 16.18 -12.49
N GLY E 12 -29.56 15.67 -12.71
CA GLY E 12 -29.91 14.93 -13.91
C GLY E 12 -31.39 14.94 -14.17
N SER E 13 -31.79 14.44 -15.33
CA SER E 13 -33.19 14.33 -15.75
C SER E 13 -33.65 12.88 -15.60
N PRO E 14 -34.96 12.63 -15.47
CA PRO E 14 -35.43 11.24 -15.36
C PRO E 14 -34.98 10.34 -16.51
N GLY E 15 -34.61 9.12 -16.16
CA GLY E 15 -34.14 8.12 -17.13
C GLY E 15 -32.64 8.10 -17.35
N GLN E 16 -31.95 9.17 -16.95
CA GLN E 16 -30.51 9.27 -17.13
C GLN E 16 -29.74 8.57 -16.01
N SER E 17 -28.41 8.49 -16.18
CA SER E 17 -27.52 7.96 -15.18
C SER E 17 -26.70 9.12 -14.61
N ILE E 18 -26.47 9.11 -13.30
CA ILE E 18 -25.60 10.09 -12.68
C ILE E 18 -24.53 9.38 -11.83
N THR E 19 -23.43 10.05 -11.54
CA THR E 19 -22.36 9.51 -10.74
C THR E 19 -21.99 10.51 -9.66
N ILE E 20 -21.78 10.02 -8.44
CA ILE E 20 -21.36 10.84 -7.32
C ILE E 20 -20.02 10.32 -6.87
N SER E 21 -18.99 11.19 -6.81
CA SER E 21 -17.66 10.76 -6.40
C SER E 21 -17.39 11.01 -4.91
N CYS E 22 -16.40 10.30 -4.38
CA CYS E 22 -16.00 10.36 -3.00
C CYS E 22 -14.50 10.16 -3.01
N THR E 23 -13.73 11.23 -2.92
CA THR E 23 -12.27 11.13 -2.96
C THR E 23 -11.68 11.19 -1.57
N ALA E 24 -10.83 10.21 -1.23
CA ALA E 24 -10.14 10.16 0.07
C ALA E 24 -8.96 11.16 0.06
N THR E 25 -9.10 12.25 0.83
CA THR E 25 -8.16 13.38 0.96
C THR E 25 -6.95 13.08 1.85
N SER E 26 -6.75 11.81 2.25
CA SER E 26 -5.64 11.46 3.12
C SER E 26 -5.26 9.99 3.03
N SER E 27 -4.03 9.69 3.45
CA SER E 27 -3.48 8.35 3.54
C SER E 27 -4.15 7.53 4.67
N ASP E 28 -4.79 8.22 5.65
CA ASP E 28 -5.43 7.64 6.83
C ASP E 28 -6.47 6.55 6.52
N VAL E 29 -7.03 6.54 5.30
CA VAL E 29 -8.00 5.50 4.92
C VAL E 29 -7.35 4.16 4.56
N GLY E 30 -6.02 4.12 4.44
CA GLY E 30 -5.29 2.92 4.09
C GLY E 30 -5.73 2.33 2.77
N ASP E 31 -6.15 1.05 2.80
CA ASP E 31 -6.61 0.33 1.63
C ASP E 31 -7.95 0.79 1.06
N TYR E 32 -8.73 1.59 1.84
CA TYR E 32 -10.01 2.16 1.38
C TYR E 32 -10.97 1.05 0.84
N ASN E 33 -11.16 -0.05 1.59
CA ASN E 33 -12.00 -1.18 1.16
C ASN E 33 -13.43 -1.07 1.61
N TYR E 34 -13.64 -0.49 2.79
CA TYR E 34 -14.96 -0.35 3.35
C TYR E 34 -15.55 1.01 3.02
N VAL E 35 -16.24 1.11 1.91
CA VAL E 35 -16.87 2.36 1.52
C VAL E 35 -18.36 2.12 1.44
N SER E 36 -19.12 2.87 2.27
CA SER E 36 -20.57 2.78 2.30
C SER E 36 -21.21 4.02 1.71
N TRP E 37 -22.39 3.88 1.09
CA TRP E 37 -23.15 5.00 0.56
C TRP E 37 -24.52 5.05 1.23
N TYR E 38 -24.93 6.24 1.67
CA TYR E 38 -26.22 6.49 2.31
C TYR E 38 -27.08 7.45 1.53
N GLN E 39 -28.37 7.13 1.42
CA GLN E 39 -29.38 8.00 0.82
C GLN E 39 -30.15 8.61 1.99
N GLN E 40 -30.29 9.92 2.01
CA GLN E 40 -31.03 10.57 3.07
C GLN E 40 -32.09 11.53 2.56
N HIS E 41 -33.34 11.21 2.80
CA HIS E 41 -34.45 12.05 2.42
C HIS E 41 -34.73 13.04 3.55
N PRO E 42 -35.30 14.22 3.23
CA PRO E 42 -35.56 15.23 4.28
C PRO E 42 -36.35 14.73 5.49
N GLY E 43 -35.83 15.01 6.68
CA GLY E 43 -36.41 14.57 7.95
C GLY E 43 -36.29 13.09 8.23
N LYS E 44 -35.60 12.34 7.35
CA LYS E 44 -35.46 10.90 7.53
C LYS E 44 -34.04 10.48 7.89
N ALA E 45 -33.92 9.26 8.36
CA ALA E 45 -32.65 8.69 8.75
C ALA E 45 -31.88 8.29 7.52
N PRO E 46 -30.54 8.29 7.58
CA PRO E 46 -29.76 7.79 6.44
C PRO E 46 -30.08 6.31 6.13
N LYS E 47 -30.00 5.93 4.87
CA LYS E 47 -30.36 4.59 4.43
C LYS E 47 -29.18 3.98 3.69
N LEU E 48 -28.74 2.77 4.09
CA LEU E 48 -27.57 2.14 3.46
C LEU E 48 -27.90 1.61 2.09
N MET E 49 -27.26 2.14 1.04
CA MET E 49 -27.50 1.74 -0.35
C MET E 49 -26.43 0.81 -0.87
N ILE E 50 -25.17 1.06 -0.49
CA ILE E 50 -24.02 0.30 -0.94
C ILE E 50 -23.03 0.19 0.21
N PHE E 51 -22.38 -0.96 0.37
CA PHE E 51 -21.34 -1.18 1.40
C PHE E 51 -20.17 -1.96 0.77
N GLU E 52 -18.96 -1.90 1.37
CA GLU E 52 -17.76 -2.57 0.85
C GLU E 52 -17.51 -2.22 -0.61
N VAL E 53 -17.61 -0.92 -0.93
CA VAL E 53 -17.44 -0.33 -2.25
C VAL E 53 -18.59 -0.65 -3.23
N SER E 54 -18.96 -1.94 -3.39
CA SER E 54 -19.92 -2.34 -4.41
C SER E 54 -21.00 -3.30 -4.02
N ASP E 55 -21.08 -3.73 -2.76
CA ASP E 55 -22.14 -4.66 -2.36
C ASP E 55 -23.44 -3.90 -2.07
N ARG E 56 -24.56 -4.53 -2.42
CA ARG E 56 -25.86 -3.93 -2.24
C ARG E 56 -26.62 -4.68 -1.19
N PRO E 57 -27.11 -4.02 -0.12
CA PRO E 57 -27.92 -4.75 0.86
C PRO E 57 -29.20 -5.29 0.21
N SER E 58 -29.78 -6.39 0.75
CA SER E 58 -31.02 -6.94 0.18
C SER E 58 -32.15 -5.90 0.31
N GLY E 59 -32.91 -5.70 -0.76
CA GLY E 59 -34.00 -4.73 -0.75
C GLY E 59 -33.68 -3.40 -1.41
N ILE E 60 -32.41 -3.18 -1.78
CA ILE E 60 -32.01 -1.95 -2.46
C ILE E 60 -32.06 -2.20 -3.97
N SER E 61 -32.69 -1.29 -4.72
CA SER E 61 -32.79 -1.34 -6.18
C SER E 61 -31.44 -1.57 -6.88
N ASN E 62 -31.42 -2.35 -7.97
CA ASN E 62 -30.19 -2.59 -8.72
C ASN E 62 -29.72 -1.38 -9.55
N ARG E 63 -30.51 -0.28 -9.56
CA ARG E 63 -30.12 0.96 -10.22
C ARG E 63 -28.94 1.65 -9.50
N PHE E 64 -28.70 1.32 -8.23
CA PHE E 64 -27.61 1.86 -7.44
C PHE E 64 -26.44 0.90 -7.51
N SER E 65 -25.26 1.42 -7.88
CA SER E 65 -24.06 0.60 -7.94
C SER E 65 -22.85 1.36 -7.44
N GLY E 66 -21.89 0.63 -6.90
CA GLY E 66 -20.66 1.23 -6.39
C GLY E 66 -19.42 0.71 -7.08
N SER E 67 -18.37 1.53 -7.12
CA SER E 67 -17.08 1.19 -7.70
C SER E 67 -15.98 2.11 -7.14
N LYS E 68 -14.70 1.74 -7.31
CA LYS E 68 -13.61 2.58 -6.88
C LYS E 68 -12.42 2.48 -7.81
N SER E 69 -11.78 3.61 -8.03
CA SER E 69 -10.63 3.74 -8.88
C SER E 69 -9.63 4.52 -8.05
N GLY E 70 -8.67 3.80 -7.50
CA GLY E 70 -7.65 4.41 -6.66
C GLY E 70 -8.26 4.88 -5.36
N ASN E 71 -8.10 6.18 -5.05
CA ASN E 71 -8.66 6.76 -3.84
C ASN E 71 -10.03 7.44 -4.07
N THR E 72 -10.68 7.16 -5.21
CA THR E 72 -11.99 7.73 -5.52
C THR E 72 -13.05 6.65 -5.65
N ALA E 73 -14.06 6.70 -4.78
CA ALA E 73 -15.18 5.77 -4.82
C ALA E 73 -16.35 6.47 -5.53
N SER E 74 -17.16 5.73 -6.30
CA SER E 74 -18.26 6.31 -7.03
C SER E 74 -19.57 5.57 -6.86
N LEU E 75 -20.64 6.33 -6.71
CA LEU E 75 -21.98 5.78 -6.65
C LEU E 75 -22.63 6.15 -7.96
N THR E 76 -23.10 5.16 -8.71
CA THR E 76 -23.79 5.42 -9.96
C THR E 76 -25.28 5.08 -9.79
N ILE E 77 -26.17 5.97 -10.25
CA ILE E 77 -27.61 5.73 -10.17
C ILE E 77 -28.14 5.73 -11.58
N SER E 78 -28.59 4.56 -12.06
CA SER E 78 -29.14 4.46 -13.41
C SER E 78 -30.66 4.66 -13.38
N GLY E 79 -31.28 4.92 -14.54
CA GLY E 79 -32.73 5.11 -14.65
C GLY E 79 -33.32 6.03 -13.61
N LEU E 80 -32.71 7.22 -13.47
CA LEU E 80 -33.03 8.26 -12.49
C LEU E 80 -34.51 8.51 -12.38
N GLN E 81 -35.02 8.46 -11.18
CA GLN E 81 -36.43 8.69 -10.90
C GLN E 81 -36.57 9.84 -9.89
N ALA E 82 -37.74 10.47 -9.84
CA ALA E 82 -37.99 11.60 -8.95
C ALA E 82 -37.65 11.31 -7.49
N GLU E 83 -38.02 10.11 -7.01
CA GLU E 83 -37.78 9.69 -5.62
C GLU E 83 -36.28 9.53 -5.27
N ASP E 84 -35.39 9.59 -6.28
CA ASP E 84 -33.95 9.49 -6.08
C ASP E 84 -33.37 10.82 -5.57
N GLU E 85 -34.10 11.94 -5.71
CA GLU E 85 -33.68 13.26 -5.25
C GLU E 85 -33.60 13.20 -3.73
N ALA E 86 -32.37 13.37 -3.18
CA ALA E 86 -32.07 13.23 -1.75
C ALA E 86 -30.59 13.68 -1.51
N ASP E 87 -30.07 13.61 -0.24
CA ASP E 87 -28.66 13.87 0.06
C ASP E 87 -27.96 12.51 0.05
N TYR E 88 -26.77 12.44 -0.57
CA TYR E 88 -26.02 11.19 -0.59
C TYR E 88 -24.73 11.39 0.12
N TYR E 89 -24.41 10.49 1.07
CA TYR E 89 -23.17 10.57 1.82
C TYR E 89 -22.36 9.33 1.62
N CYS E 90 -21.06 9.49 1.45
CA CYS E 90 -20.15 8.35 1.43
C CYS E 90 -19.54 8.27 2.82
N SER E 91 -19.13 7.07 3.20
CA SER E 91 -18.52 6.84 4.48
C SER E 91 -17.41 5.81 4.33
N SER E 92 -16.40 5.91 5.18
CA SER E 92 -15.30 4.95 5.23
C SER E 92 -14.62 5.00 6.62
N TYR E 93 -13.45 4.38 6.76
CA TYR E 93 -12.71 4.40 8.01
C TYR E 93 -11.39 5.10 7.83
N THR E 94 -10.90 5.68 8.91
CA THR E 94 -9.54 6.15 9.05
C THR E 94 -8.94 5.22 10.15
N THR E 95 -7.65 5.39 10.52
CA THR E 95 -7.08 4.53 11.56
C THR E 95 -7.69 4.79 12.95
N SER E 96 -8.58 5.78 13.10
CA SER E 96 -9.18 6.08 14.40
C SER E 96 -10.69 6.24 14.38
N SER E 97 -11.30 6.42 13.19
CA SER E 97 -12.72 6.78 13.15
C SER E 97 -13.52 6.31 11.95
N ALA E 98 -14.85 6.37 12.07
CA ALA E 98 -15.75 6.16 10.94
C ALA E 98 -16.00 7.58 10.43
N VAL E 99 -15.60 7.88 9.18
CA VAL E 99 -15.70 9.22 8.62
C VAL E 99 -16.79 9.35 7.55
N PHE E 100 -17.15 10.58 7.20
CA PHE E 100 -18.17 10.85 6.20
C PHE E 100 -17.69 11.92 5.26
N GLY E 101 -18.19 11.88 4.04
CA GLY E 101 -18.00 12.98 3.10
C GLY E 101 -18.96 14.11 3.47
N GLY E 102 -18.83 15.26 2.83
CA GLY E 102 -19.69 16.41 3.14
C GLY E 102 -21.13 16.32 2.65
N GLY E 103 -21.43 15.31 1.86
CA GLY E 103 -22.75 15.13 1.30
C GLY E 103 -22.90 15.74 -0.07
N THR E 104 -23.80 15.17 -0.86
CA THR E 104 -24.07 15.67 -2.21
C THR E 104 -25.57 15.74 -2.34
N LYS E 105 -26.11 16.91 -2.63
CA LYS E 105 -27.55 17.04 -2.87
C LYS E 105 -27.77 16.68 -4.33
N LEU E 106 -28.56 15.63 -4.59
CA LEU E 106 -28.88 15.21 -5.95
C LEU E 106 -30.22 15.81 -6.37
N THR E 107 -30.27 16.46 -7.52
CA THR E 107 -31.51 17.02 -8.05
C THR E 107 -31.97 16.25 -9.28
N VAL E 108 -33.23 15.80 -9.29
CA VAL E 108 -33.81 15.17 -10.45
C VAL E 108 -34.79 16.19 -11.00
N LEU E 109 -34.44 16.82 -12.13
CA LEU E 109 -35.25 17.86 -12.76
C LEU E 109 -36.62 17.35 -13.22
N GLY E 110 -37.67 17.91 -12.62
CA GLY E 110 -39.05 17.58 -12.93
C GLY E 110 -39.81 18.65 -13.70
N ARG E 111 -39.14 19.77 -14.05
CA ARG E 111 -39.75 20.86 -14.79
C ARG E 111 -38.67 21.82 -15.30
N THR E 112 -39.08 22.89 -16.00
CA THR E 112 -38.16 23.89 -16.55
C THR E 112 -37.57 24.82 -15.50
N VAL E 113 -36.40 25.40 -15.80
CA VAL E 113 -35.76 26.34 -14.92
C VAL E 113 -36.62 27.62 -14.80
N ALA E 114 -36.83 28.08 -13.57
CA ALA E 114 -37.51 29.34 -13.32
C ALA E 114 -36.51 30.22 -12.55
N ALA E 115 -36.27 31.41 -13.06
CA ALA E 115 -35.35 32.35 -12.46
C ALA E 115 -36.05 33.05 -11.31
N PRO E 116 -35.33 33.28 -10.20
CA PRO E 116 -35.96 33.96 -9.06
C PRO E 116 -36.19 35.44 -9.31
N SER E 117 -37.24 35.98 -8.69
CA SER E 117 -37.51 37.41 -8.62
C SER E 117 -36.75 37.78 -7.31
N VAL E 118 -35.80 38.71 -7.37
CA VAL E 118 -34.96 39.04 -6.23
C VAL E 118 -35.35 40.37 -5.60
N PHE E 119 -35.41 40.42 -4.25
CA PHE E 119 -35.74 41.63 -3.48
C PHE E 119 -34.76 41.77 -2.32
N ILE E 120 -34.35 42.99 -2.05
CA ILE E 120 -33.50 43.31 -0.93
C ILE E 120 -34.30 44.20 0.02
N PHE E 121 -34.17 43.93 1.32
CA PHE E 121 -34.87 44.67 2.35
C PHE E 121 -33.88 45.20 3.34
N PRO E 122 -33.77 46.53 3.47
CA PRO E 122 -32.88 47.10 4.49
C PRO E 122 -33.42 46.84 5.91
N PRO E 123 -32.56 46.91 6.94
CA PRO E 123 -33.09 46.81 8.31
C PRO E 123 -34.03 47.98 8.60
N SER E 124 -35.01 47.77 9.45
CA SER E 124 -35.93 48.84 9.85
C SER E 124 -35.27 49.74 10.91
N ASP E 125 -35.70 51.00 11.02
CA ASP E 125 -35.21 51.92 12.04
C ASP E 125 -35.57 51.42 13.46
N GLU E 126 -36.71 50.72 13.59
CA GLU E 126 -37.16 50.16 14.85
C GLU E 126 -36.17 49.14 15.39
N GLN E 127 -35.56 48.36 14.50
CA GLN E 127 -34.58 47.35 14.91
C GLN E 127 -33.24 47.98 15.25
N LEU E 128 -32.86 49.01 14.50
CA LEU E 128 -31.60 49.71 14.71
C LEU E 128 -31.47 50.28 16.11
N LYS E 129 -32.55 50.81 16.69
CA LYS E 129 -32.53 51.31 18.08
C LYS E 129 -31.99 50.28 19.06
N SER E 130 -32.29 48.98 18.82
CA SER E 130 -31.87 47.85 19.65
C SER E 130 -30.43 47.37 19.45
N GLY E 131 -29.68 48.00 18.55
CA GLY E 131 -28.28 47.62 18.34
C GLY E 131 -27.96 46.52 17.34
N THR E 132 -28.97 46.03 16.61
CA THR E 132 -28.74 45.01 15.59
C THR E 132 -29.38 45.41 14.25
N ALA E 133 -28.73 45.09 13.13
CA ALA E 133 -29.25 45.32 11.80
C ALA E 133 -29.36 43.97 11.05
N SER E 134 -30.54 43.66 10.52
CA SER E 134 -30.74 42.46 9.73
C SER E 134 -31.10 42.92 8.35
N VAL E 135 -30.33 42.47 7.35
CA VAL E 135 -30.60 42.82 5.97
C VAL E 135 -31.08 41.51 5.34
N VAL E 136 -32.29 41.51 4.71
CA VAL E 136 -32.89 40.31 4.13
C VAL E 136 -32.90 40.33 2.58
N CYS E 137 -32.59 39.18 1.96
CA CYS E 137 -32.62 39.00 0.51
C CYS E 137 -33.63 37.88 0.24
N LEU E 138 -34.61 38.14 -0.61
CA LEU E 138 -35.65 37.19 -0.98
C LEU E 138 -35.47 36.78 -2.44
N LEU E 139 -35.48 35.45 -2.66
CA LEU E 139 -35.40 34.80 -3.95
C LEU E 139 -36.74 34.15 -4.07
N ASN E 140 -37.64 34.74 -4.84
CA ASN E 140 -38.99 34.25 -5.00
C ASN E 140 -39.26 33.36 -6.22
N ASN E 141 -39.96 32.23 -5.97
CA ASN E 141 -40.48 31.29 -6.96
C ASN E 141 -39.49 30.88 -8.03
N PHE E 142 -38.44 30.16 -7.63
CA PHE E 142 -37.42 29.70 -8.57
C PHE E 142 -37.32 28.16 -8.62
N TYR E 143 -36.65 27.62 -9.64
CA TYR E 143 -36.47 26.18 -9.83
C TYR E 143 -35.24 25.94 -10.72
N PRO E 144 -34.35 24.97 -10.43
CA PRO E 144 -34.35 24.07 -9.26
C PRO E 144 -33.89 24.76 -7.97
N ARG E 145 -33.68 23.99 -6.90
CA ARG E 145 -33.28 24.48 -5.59
C ARG E 145 -31.92 25.19 -5.57
N GLU E 146 -30.97 24.75 -6.40
CA GLU E 146 -29.62 25.29 -6.36
C GLU E 146 -29.49 26.78 -6.73
N ALA E 147 -28.98 27.56 -5.78
CA ALA E 147 -28.77 28.99 -5.97
C ALA E 147 -27.67 29.44 -5.04
N LYS E 148 -26.74 30.23 -5.53
CA LYS E 148 -25.67 30.80 -4.72
C LYS E 148 -26.04 32.24 -4.40
N VAL E 149 -26.13 32.57 -3.11
CA VAL E 149 -26.45 33.91 -2.65
C VAL E 149 -25.23 34.45 -1.94
N GLN E 150 -24.72 35.60 -2.38
CA GLN E 150 -23.54 36.21 -1.77
C GLN E 150 -23.82 37.64 -1.35
N TRP E 151 -23.41 38.00 -0.13
CA TRP E 151 -23.60 39.35 0.38
C TRP E 151 -22.36 40.16 0.17
N LYS E 152 -22.51 41.39 -0.26
CA LYS E 152 -21.40 42.30 -0.46
C LYS E 152 -21.72 43.59 0.24
N VAL E 153 -20.80 44.08 1.06
CA VAL E 153 -20.98 45.31 1.81
C VAL E 153 -19.86 46.23 1.39
N ASP E 154 -20.21 47.30 0.66
CA ASP E 154 -19.24 48.22 0.01
C ASP E 154 -18.29 47.43 -0.90
N ASN E 155 -18.83 46.43 -1.60
CA ASN E 155 -18.13 45.55 -2.53
C ASN E 155 -17.27 44.46 -1.86
N ALA E 156 -17.27 44.36 -0.53
CA ALA E 156 -16.50 43.33 0.17
C ALA E 156 -17.39 42.13 0.41
N LEU E 157 -16.97 40.97 -0.10
CA LEU E 157 -17.69 39.72 0.07
C LEU E 157 -17.74 39.32 1.53
N GLN E 158 -18.95 39.04 2.03
CA GLN E 158 -19.14 38.67 3.42
C GLN E 158 -19.06 37.18 3.64
N SER E 159 -18.71 36.76 4.85
CA SER E 159 -18.61 35.34 5.18
C SER E 159 -18.91 35.11 6.64
N GLY E 160 -19.72 34.09 6.93
CA GLY E 160 -20.05 33.68 8.30
C GLY E 160 -21.08 34.50 9.05
N ASN E 161 -21.65 35.53 8.40
CA ASN E 161 -22.64 36.40 9.05
C ASN E 161 -24.01 36.34 8.38
N SER E 162 -24.29 35.26 7.66
CA SER E 162 -25.58 35.09 7.01
C SER E 162 -26.12 33.67 7.14
N GLN E 163 -27.45 33.55 7.11
CA GLN E 163 -28.15 32.30 7.22
C GLN E 163 -29.24 32.25 6.14
N GLU E 164 -29.35 31.12 5.46
CA GLU E 164 -30.35 30.89 4.43
C GLU E 164 -31.47 30.03 4.94
N SER E 165 -32.65 30.21 4.40
CA SER E 165 -33.83 29.48 4.78
C SER E 165 -34.69 29.30 3.52
N VAL E 166 -35.25 28.11 3.32
CA VAL E 166 -35.98 27.77 2.11
C VAL E 166 -37.36 27.22 2.46
N THR E 167 -38.37 27.56 1.65
CA THR E 167 -39.72 27.02 1.85
C THR E 167 -39.83 25.61 1.20
N GLU E 168 -40.90 24.88 1.51
CA GLU E 168 -41.20 23.62 0.87
C GLU E 168 -41.56 23.90 -0.60
N GLN E 169 -41.33 22.91 -1.48
CA GLN E 169 -41.67 23.03 -2.89
C GLN E 169 -43.17 23.38 -3.08
N ASP E 170 -43.51 24.30 -3.99
CA ASP E 170 -44.90 24.70 -4.21
C ASP E 170 -45.64 23.52 -4.82
N SER E 171 -46.81 23.15 -4.26
CA SER E 171 -47.59 22.00 -4.72
C SER E 171 -48.07 22.14 -6.16
N LYS E 172 -48.32 23.38 -6.59
CA LYS E 172 -48.80 23.62 -7.94
C LYS E 172 -47.67 23.73 -8.99
N ASP E 173 -46.72 24.67 -8.83
CA ASP E 173 -45.68 24.88 -9.84
C ASP E 173 -44.29 24.33 -9.50
N SER E 174 -44.12 23.70 -8.34
CA SER E 174 -42.85 23.10 -7.94
C SER E 174 -41.71 24.08 -7.63
N THR E 175 -42.02 25.37 -7.48
CA THR E 175 -40.98 26.36 -7.19
C THR E 175 -40.62 26.41 -5.71
N TYR E 176 -39.45 26.96 -5.42
CA TYR E 176 -38.92 27.18 -4.11
C TYR E 176 -38.85 28.68 -3.90
N SER E 177 -38.76 29.11 -2.64
CA SER E 177 -38.49 30.48 -2.26
C SER E 177 -37.42 30.41 -1.17
N LEU E 178 -36.55 31.41 -1.13
CA LEU E 178 -35.44 31.43 -0.20
C LEU E 178 -35.22 32.81 0.34
N SER E 179 -34.87 32.87 1.60
CA SER E 179 -34.49 34.09 2.26
C SER E 179 -33.04 33.89 2.74
N SER E 180 -32.22 34.95 2.63
CA SER E 180 -30.85 34.98 3.14
C SER E 180 -30.82 36.22 4.03
N THR E 181 -30.39 36.05 5.28
CA THR E 181 -30.39 37.15 6.23
C THR E 181 -28.98 37.45 6.67
N LEU E 182 -28.54 38.68 6.47
CA LEU E 182 -27.23 39.14 6.86
C LEU E 182 -27.39 39.82 8.21
N THR E 183 -26.65 39.37 9.23
CA THR E 183 -26.75 40.00 10.56
C THR E 183 -25.50 40.83 10.90
N LEU E 184 -25.69 42.13 11.13
CA LEU E 184 -24.63 43.04 11.53
C LEU E 184 -25.02 43.78 12.84
N SER E 185 -24.03 44.32 13.56
CA SER E 185 -24.32 45.18 14.70
C SER E 185 -24.70 46.54 14.11
N LYS E 186 -25.40 47.38 14.89
CA LYS E 186 -25.76 48.73 14.42
C LYS E 186 -24.53 49.54 14.01
N ALA E 187 -23.44 49.45 14.78
CA ALA E 187 -22.22 50.19 14.48
C ALA E 187 -21.62 49.78 13.14
N ASP E 188 -21.55 48.46 12.86
CA ASP E 188 -21.01 47.94 11.61
C ASP E 188 -21.89 48.32 10.44
N TYR E 189 -23.22 48.26 10.63
CA TYR E 189 -24.14 48.66 9.58
C TYR E 189 -23.96 50.14 9.22
N GLU E 190 -23.74 51.00 10.21
CA GLU E 190 -23.56 52.43 9.95
C GLU E 190 -22.17 52.82 9.41
N LYS E 191 -21.24 51.88 9.31
CA LYS E 191 -19.91 52.15 8.76
C LYS E 191 -19.90 52.13 7.23
N HIS E 192 -20.86 51.46 6.60
CA HIS E 192 -20.86 51.22 5.16
C HIS E 192 -22.08 51.77 4.45
N LYS E 193 -22.01 51.92 3.13
CA LYS E 193 -23.09 52.50 2.35
C LYS E 193 -23.85 51.50 1.46
N VAL E 194 -23.15 50.77 0.56
CA VAL E 194 -23.79 49.85 -0.37
C VAL E 194 -24.01 48.44 0.21
N TYR E 195 -25.26 48.00 0.22
CA TYR E 195 -25.60 46.67 0.68
C TYR E 195 -26.14 45.93 -0.52
N ALA E 196 -25.49 44.83 -0.91
CA ALA E 196 -25.90 44.12 -2.12
C ALA E 196 -25.99 42.64 -1.94
N CYS E 197 -27.03 42.03 -2.54
CA CYS E 197 -27.22 40.59 -2.52
CA CYS E 197 -27.14 40.57 -2.53
C CYS E 197 -27.12 40.05 -3.97
N GLU E 198 -26.08 39.26 -4.26
CA GLU E 198 -25.85 38.69 -5.58
C GLU E 198 -26.33 37.22 -5.66
N VAL E 199 -27.28 36.95 -6.56
CA VAL E 199 -27.88 35.64 -6.77
C VAL E 199 -27.45 35.00 -8.10
N THR E 200 -26.68 33.90 -8.02
CA THR E 200 -26.21 33.18 -9.21
C THR E 200 -26.99 31.89 -9.49
N GLN E 201 -27.48 31.74 -10.71
CA GLN E 201 -28.18 30.55 -11.15
C GLN E 201 -27.77 30.37 -12.61
N GLY E 202 -26.92 29.38 -12.87
CA GLY E 202 -26.42 29.09 -14.20
C GLY E 202 -25.60 30.21 -14.80
N THR E 203 -26.00 30.67 -15.98
CA THR E 203 -25.28 31.74 -16.68
C THR E 203 -25.67 33.16 -16.23
N THR E 204 -26.55 33.30 -15.22
CA THR E 204 -26.99 34.61 -14.74
C THR E 204 -26.72 34.86 -13.27
N SER E 205 -26.25 36.07 -12.95
CA SER E 205 -26.04 36.61 -11.62
C SER E 205 -26.87 37.88 -11.55
N VAL E 206 -27.74 38.00 -10.56
CA VAL E 206 -28.57 39.19 -10.40
C VAL E 206 -28.25 39.78 -9.06
N THR E 207 -27.80 41.04 -9.05
CA THR E 207 -27.51 41.75 -7.82
C THR E 207 -28.59 42.80 -7.59
N LYS E 208 -29.19 42.78 -6.41
CA LYS E 208 -30.16 43.78 -5.94
C LYS E 208 -29.45 44.49 -4.80
N SER E 209 -29.47 45.81 -4.78
CA SER E 209 -28.77 46.55 -3.75
C SER E 209 -29.46 47.79 -3.28
N PHE E 210 -29.02 48.35 -2.16
CA PHE E 210 -29.54 49.63 -1.67
C PHE E 210 -28.38 50.38 -1.03
N ASN E 211 -28.49 51.71 -0.99
CA ASN E 211 -27.49 52.54 -0.36
C ASN E 211 -28.11 53.03 0.94
N ARG E 212 -27.49 52.68 2.10
CA ARG E 212 -27.94 53.11 3.44
C ARG E 212 -27.94 54.63 3.47
N GLY E 213 -29.00 55.22 4.01
CA GLY E 213 -29.12 56.68 4.02
C GLY E 213 -30.06 57.16 2.93
N GLU E 214 -30.11 56.45 1.79
CA GLU E 214 -31.03 56.80 0.71
C GLU E 214 -32.44 56.18 0.85
N CYS E 215 -32.77 55.69 2.08
CA CYS E 215 -34.05 55.08 2.46
C CYS E 215 -34.21 54.94 3.99
N ASN F 6 -23.51 -40.20 16.93
CA ASN F 6 -22.74 -39.22 17.68
C ASN F 6 -21.80 -38.44 16.76
N LEU F 7 -22.25 -37.29 16.24
CA LEU F 7 -21.44 -36.48 15.34
C LEU F 7 -20.35 -35.69 16.09
N CYS F 8 -19.27 -35.33 15.37
CA CYS F 8 -18.15 -34.61 15.97
C CYS F 8 -18.44 -33.11 16.14
N PRO F 9 -17.98 -32.51 17.24
CA PRO F 9 -18.24 -31.08 17.46
C PRO F 9 -17.31 -30.13 16.70
N PHE F 10 -17.37 -30.18 15.36
CA PHE F 10 -16.56 -29.30 14.51
C PHE F 10 -17.08 -27.85 14.53
N GLY F 11 -18.39 -27.68 14.65
CA GLY F 11 -19.02 -26.37 14.75
C GLY F 11 -18.61 -25.64 16.00
N GLU F 12 -18.36 -26.37 17.09
CA GLU F 12 -17.88 -25.82 18.35
C GLU F 12 -16.45 -25.22 18.23
N VAL F 13 -15.71 -25.59 17.16
CA VAL F 13 -14.36 -25.14 16.91
C VAL F 13 -14.30 -24.10 15.79
N PHE F 14 -14.85 -24.41 14.61
CA PHE F 14 -14.85 -23.51 13.46
C PHE F 14 -15.82 -22.32 13.62
N ASN F 15 -17.00 -22.57 14.21
CA ASN F 15 -18.02 -21.53 14.42
C ASN F 15 -18.00 -20.98 15.84
N ALA F 16 -16.87 -21.05 16.55
CA ALA F 16 -16.78 -20.56 17.92
C ALA F 16 -16.94 -19.03 17.99
N THR F 17 -17.47 -18.52 19.11
CA THR F 17 -17.68 -17.09 19.29
C THR F 17 -16.36 -16.36 19.58
N ARG F 18 -15.58 -16.89 20.53
CA ARG F 18 -14.30 -16.31 20.87
C ARG F 18 -13.15 -17.17 20.31
N PHE F 19 -12.10 -16.55 19.76
CA PHE F 19 -10.93 -17.26 19.26
C PHE F 19 -9.71 -16.88 20.06
N ALA F 20 -8.74 -17.80 20.14
CA ALA F 20 -7.56 -17.58 20.97
C ALA F 20 -6.45 -16.80 20.30
N SER F 21 -5.60 -16.14 21.11
CA SER F 21 -4.39 -15.48 20.63
C SER F 21 -3.42 -16.61 20.23
N VAL F 22 -2.45 -16.34 19.32
CA VAL F 22 -1.55 -17.40 18.86
C VAL F 22 -0.55 -17.83 19.97
N TYR F 23 -0.12 -16.90 20.86
CA TYR F 23 0.80 -17.22 21.96
C TYR F 23 0.22 -18.32 22.85
N ALA F 24 -1.01 -18.14 23.34
CA ALA F 24 -1.67 -19.16 24.16
C ALA F 24 -2.79 -19.78 23.33
N TRP F 25 -2.42 -20.48 22.25
CA TRP F 25 -3.36 -21.09 21.31
C TRP F 25 -4.32 -22.13 21.95
N ASN F 26 -5.40 -22.48 21.22
CA ASN F 26 -6.41 -23.42 21.72
C ASN F 26 -6.11 -24.84 21.27
N ARG F 27 -6.42 -25.81 22.14
CA ARG F 27 -6.26 -27.24 21.86
C ARG F 27 -7.56 -27.96 22.23
N LYS F 28 -8.24 -28.55 21.24
CA LYS F 28 -9.49 -29.27 21.46
C LYS F 28 -9.33 -30.73 21.06
N ARG F 29 -9.45 -31.65 22.03
CA ARG F 29 -9.33 -33.09 21.79
C ARG F 29 -10.64 -33.71 21.32
N ILE F 30 -10.71 -34.10 20.04
CA ILE F 30 -11.90 -34.71 19.44
C ILE F 30 -11.72 -36.23 19.34
N SER F 31 -12.60 -36.97 20.02
CA SER F 31 -12.59 -38.44 20.02
C SER F 31 -14.00 -39.01 20.20
N ASN F 32 -14.19 -40.31 19.86
CA ASN F 32 -15.45 -41.04 20.00
C ASN F 32 -16.64 -40.40 19.24
N CYS F 33 -16.46 -40.13 17.95
CA CYS F 33 -17.52 -39.54 17.13
C CYS F 33 -17.34 -39.77 15.62
N VAL F 34 -18.38 -39.51 14.82
CA VAL F 34 -18.29 -39.65 13.37
C VAL F 34 -18.07 -38.27 12.75
N ALA F 35 -16.87 -38.01 12.22
CA ALA F 35 -16.53 -36.72 11.61
C ALA F 35 -17.29 -36.48 10.32
N ALA F 44 -16.99 -21.90 1.68
CA ALA F 44 -16.60 -20.89 0.70
C ALA F 44 -15.79 -19.74 1.29
N SER F 45 -15.88 -19.51 2.61
CA SER F 45 -15.15 -18.44 3.28
C SER F 45 -13.65 -18.76 3.43
N PHE F 46 -13.29 -20.05 3.49
CA PHE F 46 -11.92 -20.51 3.65
C PHE F 46 -11.03 -20.20 2.43
N SER F 47 -10.00 -19.36 2.63
CA SER F 47 -9.05 -19.03 1.56
C SER F 47 -7.76 -19.89 1.59
N THR F 48 -7.69 -20.87 2.51
CA THR F 48 -6.55 -21.78 2.64
C THR F 48 -7.06 -23.12 3.12
N PHE F 49 -6.72 -24.18 2.40
CA PHE F 49 -7.08 -25.54 2.79
C PHE F 49 -5.91 -26.41 2.32
N LYS F 50 -4.92 -26.61 3.19
CA LYS F 50 -3.73 -27.38 2.84
C LYS F 50 -3.61 -28.64 3.67
N CYS F 51 -3.57 -29.79 3.00
CA CYS F 51 -3.45 -31.06 3.69
C CYS F 51 -2.08 -31.71 3.54
N TYR F 52 -1.43 -31.96 4.68
CA TYR F 52 -0.10 -32.58 4.78
C TYR F 52 -0.24 -34.00 5.33
N GLY F 53 0.63 -34.90 4.89
CA GLY F 53 0.57 -36.28 5.30
C GLY F 53 -0.61 -36.93 4.62
N VAL F 54 -1.77 -36.95 5.30
CA VAL F 54 -3.00 -37.50 4.75
C VAL F 54 -3.50 -36.68 3.55
N SER F 55 -4.35 -37.27 2.71
CA SER F 55 -4.90 -36.59 1.55
C SER F 55 -6.33 -36.14 1.81
N PRO F 56 -6.79 -35.04 1.19
CA PRO F 56 -8.18 -34.60 1.41
C PRO F 56 -9.22 -35.45 0.66
N ASP F 61 -12.46 -41.49 4.57
CA ASP F 61 -12.20 -42.91 4.75
C ASP F 61 -11.27 -43.18 5.94
N LEU F 62 -10.38 -42.25 6.27
CA LEU F 62 -9.43 -42.44 7.36
C LEU F 62 -10.03 -42.42 8.76
N CYS F 63 -9.44 -43.18 9.69
CA CYS F 63 -9.87 -43.20 11.09
C CYS F 63 -8.68 -42.91 11.99
N PHE F 64 -8.91 -42.21 13.11
CA PHE F 64 -7.82 -41.87 14.04
C PHE F 64 -8.17 -42.18 15.49
N THR F 65 -7.15 -42.40 16.32
CA THR F 65 -7.32 -42.65 17.75
C THR F 65 -7.71 -41.34 18.44
N ASN F 66 -7.03 -40.24 18.07
CA ASN F 66 -7.31 -38.90 18.60
C ASN F 66 -7.20 -37.86 17.47
N VAL F 67 -8.27 -37.09 17.25
CA VAL F 67 -8.28 -36.03 16.25
C VAL F 67 -8.17 -34.70 16.97
N TYR F 68 -7.06 -33.97 16.80
CA TYR F 68 -6.87 -32.69 17.48
C TYR F 68 -7.28 -31.49 16.63
N ALA F 69 -7.82 -30.45 17.28
CA ALA F 69 -8.21 -29.22 16.60
C ALA F 69 -7.53 -28.05 17.32
N ASP F 70 -6.70 -27.32 16.61
CA ASP F 70 -5.97 -26.19 17.18
C ASP F 70 -6.48 -24.89 16.58
N SER F 71 -6.79 -23.91 17.42
CA SER F 71 -7.37 -22.67 16.96
C SER F 71 -6.70 -21.43 17.51
N PHE F 72 -6.44 -20.47 16.62
CA PHE F 72 -5.78 -19.21 16.95
C PHE F 72 -5.99 -18.21 15.80
N VAL F 73 -5.66 -16.93 16.04
CA VAL F 73 -5.79 -15.89 15.04
C VAL F 73 -4.43 -15.31 14.78
N ILE F 74 -4.04 -15.16 13.51
CA ILE F 74 -2.77 -14.55 13.09
C ILE F 74 -3.07 -13.57 11.92
N ARG F 75 -2.07 -12.82 11.46
CA ARG F 75 -2.20 -11.97 10.30
C ARG F 75 -2.17 -12.86 9.02
N GLY F 76 -2.80 -12.40 7.95
CA GLY F 76 -2.85 -13.12 6.68
C GLY F 76 -1.54 -13.53 6.06
N ASP F 77 -0.53 -12.64 6.12
CA ASP F 77 0.80 -12.91 5.58
C ASP F 77 1.58 -13.98 6.38
N GLU F 78 1.12 -14.29 7.59
CA GLU F 78 1.72 -15.29 8.45
C GLU F 78 1.11 -16.69 8.27
N VAL F 79 0.05 -16.83 7.46
CA VAL F 79 -0.60 -18.12 7.25
C VAL F 79 0.37 -19.14 6.62
N ARG F 80 1.29 -18.68 5.76
CA ARG F 80 2.30 -19.52 5.10
C ARG F 80 3.17 -20.28 6.12
N GLN F 81 3.33 -19.72 7.32
CA GLN F 81 4.11 -20.31 8.40
C GLN F 81 3.45 -21.50 9.06
N ILE F 82 2.13 -21.66 8.87
CA ILE F 82 1.40 -22.77 9.48
C ILE F 82 1.44 -23.95 8.52
N ALA F 83 2.65 -24.49 8.37
CA ALA F 83 3.01 -25.59 7.49
C ALA F 83 4.31 -26.23 8.03
N PRO F 84 4.52 -27.53 7.78
CA PRO F 84 5.76 -28.16 8.26
C PRO F 84 6.99 -27.56 7.58
N GLY F 85 8.05 -27.43 8.36
CA GLY F 85 9.33 -26.92 7.89
C GLY F 85 9.44 -25.44 7.60
N GLN F 86 8.51 -24.63 8.13
CA GLN F 86 8.54 -23.19 7.88
C GLN F 86 9.24 -22.41 8.98
N THR F 87 9.73 -21.21 8.66
CA THR F 87 10.36 -20.32 9.61
C THR F 87 9.51 -19.03 9.78
N GLY F 88 9.76 -18.28 10.85
CA GLY F 88 9.08 -17.03 11.13
C GLY F 88 8.73 -16.90 12.59
N LYS F 89 8.34 -15.68 13.04
CA LYS F 89 8.00 -15.42 14.44
C LYS F 89 6.91 -16.33 14.95
N ILE F 90 5.96 -16.70 14.09
CA ILE F 90 4.87 -17.58 14.50
C ILE F 90 5.34 -19.03 14.62
N ALA F 91 5.88 -19.60 13.53
CA ALA F 91 6.38 -20.99 13.53
C ALA F 91 7.48 -21.21 14.57
N ASP F 92 8.31 -20.19 14.83
CA ASP F 92 9.37 -20.29 15.82
C ASP F 92 8.90 -20.00 17.26
N TYR F 93 8.38 -18.80 17.57
CA TYR F 93 8.01 -18.45 18.94
C TYR F 93 6.55 -18.59 19.37
N ASN F 94 5.67 -19.18 18.52
CA ASN F 94 4.25 -19.25 18.88
C ASN F 94 3.59 -20.62 18.68
N TYR F 95 3.69 -21.18 17.48
CA TYR F 95 3.06 -22.45 17.18
C TYR F 95 3.90 -23.17 16.14
N LYS F 96 4.54 -24.29 16.53
CA LYS F 96 5.39 -25.04 15.61
C LYS F 96 4.79 -26.38 15.14
N LEU F 97 4.74 -26.61 13.80
CA LEU F 97 4.24 -27.86 13.24
C LEU F 97 5.41 -28.82 13.01
N PRO F 98 5.23 -30.14 13.25
CA PRO F 98 6.33 -31.09 13.03
C PRO F 98 6.54 -31.37 11.53
N ASP F 99 7.76 -31.79 11.16
CA ASP F 99 8.09 -32.08 9.75
C ASP F 99 7.28 -33.26 9.18
N ASP F 100 6.93 -34.21 10.04
CA ASP F 100 6.14 -35.41 9.73
C ASP F 100 4.63 -35.20 9.96
N PHE F 101 4.15 -33.95 9.86
CA PHE F 101 2.77 -33.60 10.15
C PHE F 101 1.72 -34.42 9.37
N THR F 102 0.74 -34.94 10.11
CA THR F 102 -0.37 -35.68 9.55
C THR F 102 -1.61 -34.85 9.90
N GLY F 103 -2.17 -34.17 8.91
CA GLY F 103 -3.33 -33.32 9.14
C GLY F 103 -3.55 -32.20 8.15
N CYS F 104 -4.54 -31.33 8.42
CA CYS F 104 -4.86 -30.23 7.51
C CYS F 104 -4.82 -28.86 8.18
N VAL F 105 -4.55 -27.82 7.39
CA VAL F 105 -4.51 -26.44 7.86
C VAL F 105 -5.56 -25.63 7.10
N ILE F 106 -6.55 -25.11 7.82
CA ILE F 106 -7.62 -24.34 7.18
C ILE F 106 -7.62 -22.93 7.74
N ALA F 107 -7.63 -21.93 6.87
CA ALA F 107 -7.65 -20.54 7.29
C ALA F 107 -8.69 -19.75 6.50
N TRP F 108 -9.24 -18.71 7.13
CA TRP F 108 -10.24 -17.86 6.46
C TRP F 108 -10.15 -16.45 7.01
N ASN F 109 -10.32 -15.46 6.12
CA ASN F 109 -10.28 -14.05 6.49
C ASN F 109 -11.38 -13.73 7.51
N SER F 110 -10.99 -13.12 8.62
CA SER F 110 -11.94 -12.78 9.67
C SER F 110 -11.92 -11.27 9.98
N ASN F 111 -11.63 -10.44 8.98
CA ASN F 111 -11.61 -8.98 9.16
C ASN F 111 -12.96 -8.45 9.68
N ASN F 112 -14.06 -9.06 9.23
CA ASN F 112 -15.42 -8.68 9.65
C ASN F 112 -15.69 -8.90 11.14
N LEU F 113 -14.87 -9.72 11.82
CA LEU F 113 -15.08 -10.05 13.23
C LEU F 113 -13.95 -9.65 14.14
N ASP F 114 -12.70 -9.71 13.64
CA ASP F 114 -11.54 -9.48 14.48
C ASP F 114 -10.88 -8.10 14.28
N SER F 115 -11.41 -7.24 13.40
CA SER F 115 -10.88 -5.88 13.28
C SER F 115 -11.86 -4.93 13.97
N LYS F 116 -11.36 -3.80 14.45
CA LYS F 116 -12.19 -2.82 15.12
C LYS F 116 -11.79 -1.44 14.65
N VAL F 117 -12.72 -0.46 14.79
CA VAL F 117 -12.45 0.94 14.49
C VAL F 117 -11.38 1.40 15.51
N GLY F 118 -10.36 2.09 15.03
CA GLY F 118 -9.27 2.50 15.91
C GLY F 118 -8.35 1.37 16.32
N GLY F 119 -8.59 0.18 15.77
CA GLY F 119 -7.78 -1.00 15.98
C GLY F 119 -8.30 -1.96 17.02
N ASN F 120 -8.16 -3.26 16.76
CA ASN F 120 -8.50 -4.28 17.76
C ASN F 120 -7.17 -4.73 18.34
N TYR F 121 -7.00 -4.58 19.65
CA TYR F 121 -5.74 -4.97 20.30
C TYR F 121 -5.86 -6.21 21.19
N ASN F 122 -6.97 -6.97 21.06
CA ASN F 122 -7.21 -8.18 21.84
C ASN F 122 -6.18 -9.28 21.54
N TYR F 123 -5.83 -9.46 20.27
CA TYR F 123 -4.92 -10.53 19.87
C TYR F 123 -3.44 -10.19 19.99
N LEU F 124 -2.74 -11.02 20.76
CA LEU F 124 -1.30 -10.90 20.99
C LEU F 124 -0.54 -12.03 20.28
N TYR F 125 0.76 -11.81 20.06
CA TYR F 125 1.70 -12.80 19.54
C TYR F 125 3.02 -12.64 20.29
N ARG F 126 3.77 -13.73 20.49
CA ARG F 126 5.07 -13.67 21.13
C ARG F 126 6.09 -13.16 20.11
N LEU F 127 6.71 -12.03 20.42
CA LEU F 127 7.68 -11.39 19.54
C LEU F 127 9.10 -11.85 19.85
N PHE F 128 9.41 -12.05 21.14
CA PHE F 128 10.76 -12.45 21.55
C PHE F 128 10.75 -13.74 22.36
N ARG F 129 11.82 -14.52 22.24
CA ARG F 129 12.02 -15.77 22.97
C ARG F 129 13.49 -16.21 22.82
N LYS F 130 14.05 -16.82 23.88
CA LYS F 130 15.45 -17.28 23.86
C LYS F 130 15.70 -18.39 22.83
N SER F 131 14.75 -19.32 22.69
CA SER F 131 14.89 -20.42 21.74
C SER F 131 13.60 -20.71 20.97
N ASN F 132 13.71 -21.41 19.83
CA ASN F 132 12.53 -21.79 19.06
C ASN F 132 11.73 -22.87 19.77
N LEU F 133 10.42 -22.88 19.55
CA LEU F 133 9.52 -23.85 20.16
C LEU F 133 9.66 -25.21 19.51
N LYS F 134 9.35 -26.26 20.25
CA LYS F 134 9.36 -27.61 19.74
C LYS F 134 7.95 -27.94 19.18
N PRO F 135 7.82 -28.84 18.18
CA PRO F 135 6.48 -29.11 17.61
C PRO F 135 5.37 -29.38 18.63
N PHE F 136 4.35 -28.49 18.66
CA PHE F 136 3.17 -28.46 19.54
C PHE F 136 3.46 -27.96 20.96
N GLU F 137 4.53 -27.16 21.12
CA GLU F 137 4.86 -26.58 22.42
C GLU F 137 4.08 -25.26 22.58
N ARG F 138 3.67 -24.92 23.82
CA ARG F 138 2.95 -23.67 24.08
C ARG F 138 3.54 -22.88 25.24
N ASP F 139 4.14 -21.73 24.96
CA ASP F 139 4.72 -20.88 25.99
C ASP F 139 3.79 -19.70 26.27
N ILE F 140 3.29 -19.61 27.53
CA ILE F 140 2.36 -18.53 27.95
C ILE F 140 3.01 -17.61 29.04
N SER F 141 4.34 -17.61 29.15
CA SER F 141 5.06 -16.82 30.14
C SER F 141 5.10 -15.33 29.81
N THR F 142 5.03 -14.48 30.84
CA THR F 142 5.10 -13.03 30.64
C THR F 142 6.37 -12.43 31.25
N GLU F 143 7.45 -13.20 31.33
CA GLU F 143 8.71 -12.72 31.90
C GLU F 143 9.42 -11.80 30.91
N ILE F 144 9.96 -10.65 31.38
CA ILE F 144 10.68 -9.66 30.57
C ILE F 144 11.88 -10.26 29.83
N TYR F 145 11.95 -10.05 28.53
CA TYR F 145 13.02 -10.55 27.68
C TYR F 145 14.29 -9.73 27.90
N GLN F 146 15.38 -10.40 28.28
CA GLN F 146 16.66 -9.75 28.52
C GLN F 146 17.47 -9.80 27.23
N ALA F 147 17.18 -8.88 26.29
CA ALA F 147 17.87 -8.82 25.00
C ALA F 147 19.34 -8.40 25.15
N GLY F 148 19.64 -7.60 26.16
CA GLY F 148 21.00 -7.13 26.43
C GLY F 148 21.72 -7.92 27.50
N SER F 149 22.77 -7.34 28.08
CA SER F 149 23.56 -7.99 29.12
C SER F 149 23.09 -7.61 30.53
N THR F 150 22.63 -6.37 30.71
CA THR F 150 22.16 -5.89 32.01
C THR F 150 20.88 -6.60 32.45
N PRO F 151 20.79 -7.02 33.73
CA PRO F 151 19.58 -7.72 34.19
C PRO F 151 18.37 -6.78 34.27
N CYS F 152 17.24 -7.24 33.76
CA CYS F 152 16.01 -6.43 33.75
C CYS F 152 15.37 -6.35 35.13
N ASN F 153 15.28 -7.50 35.82
CA ASN F 153 14.67 -7.64 37.13
C ASN F 153 13.18 -7.30 37.09
N GLY F 154 12.49 -7.77 36.07
CA GLY F 154 11.06 -7.56 35.88
C GLY F 154 10.65 -6.16 35.43
N VAL F 155 11.62 -5.31 35.10
CA VAL F 155 11.33 -3.94 34.66
C VAL F 155 11.62 -3.74 33.17
N GLU F 156 10.79 -2.94 32.50
CA GLU F 156 10.98 -2.66 31.08
C GLU F 156 11.92 -1.47 30.91
N GLY F 157 12.83 -1.57 29.95
CA GLY F 157 13.80 -0.53 29.64
C GLY F 157 14.63 -0.84 28.41
N PHE F 158 15.80 -0.20 28.28
CA PHE F 158 16.70 -0.42 27.14
C PHE F 158 17.17 -1.87 27.09
N ASN F 159 16.87 -2.57 25.97
CA ASN F 159 17.20 -3.98 25.74
C ASN F 159 16.54 -4.93 26.76
N CYS F 160 15.38 -4.52 27.31
CA CYS F 160 14.59 -5.24 28.31
C CYS F 160 13.12 -5.12 27.92
N TYR F 161 12.71 -5.85 26.87
CA TYR F 161 11.38 -5.75 26.30
C TYR F 161 10.35 -6.75 26.82
N PHE F 162 9.05 -6.42 26.71
CA PHE F 162 7.98 -7.34 27.08
C PHE F 162 7.88 -8.39 25.96
N PRO F 163 7.69 -9.67 26.29
CA PRO F 163 7.70 -10.71 25.24
C PRO F 163 6.50 -10.73 24.29
N LEU F 164 5.31 -10.30 24.75
CA LEU F 164 4.12 -10.32 23.90
C LEU F 164 3.88 -8.98 23.23
N GLN F 165 3.32 -9.02 22.01
CA GLN F 165 3.00 -7.83 21.24
C GLN F 165 1.61 -7.91 20.65
N SER F 166 0.92 -6.80 20.63
CA SER F 166 -0.44 -6.75 20.07
C SER F 166 -0.43 -6.60 18.56
N TYR F 167 -1.39 -7.24 17.89
CA TYR F 167 -1.52 -7.16 16.44
C TYR F 167 -2.12 -5.82 15.98
N GLY F 168 -3.17 -5.36 16.66
CA GLY F 168 -3.83 -4.11 16.28
C GLY F 168 -4.49 -4.18 14.92
N PHE F 169 -5.49 -5.06 14.78
CA PHE F 169 -6.17 -5.22 13.50
C PHE F 169 -7.08 -4.03 13.16
N GLN F 170 -6.74 -3.36 12.05
CA GLN F 170 -7.44 -2.20 11.53
C GLN F 170 -8.27 -2.59 10.31
N PRO F 171 -9.50 -2.08 10.21
CA PRO F 171 -10.30 -2.37 8.99
C PRO F 171 -9.76 -1.71 7.71
N THR F 172 -8.79 -0.77 7.83
CA THR F 172 -8.11 -0.07 6.74
C THR F 172 -6.94 -0.91 6.12
N ASN F 173 -6.54 -2.01 6.76
CA ASN F 173 -5.42 -2.84 6.27
C ASN F 173 -5.71 -3.59 4.97
N GLY F 174 -4.68 -3.88 4.20
CA GLY F 174 -4.78 -4.70 2.99
C GLY F 174 -5.00 -6.17 3.35
N VAL F 175 -5.48 -7.00 2.40
CA VAL F 175 -5.82 -8.41 2.67
C VAL F 175 -4.75 -9.20 3.45
N GLY F 176 -3.48 -8.93 3.17
CA GLY F 176 -2.38 -9.62 3.84
C GLY F 176 -2.17 -9.21 5.29
N TYR F 177 -2.68 -8.05 5.69
CA TYR F 177 -2.51 -7.56 7.06
C TYR F 177 -3.79 -7.67 7.92
N GLN F 178 -4.84 -8.28 7.37
CA GLN F 178 -6.10 -8.50 8.04
C GLN F 178 -6.02 -9.78 8.87
N PRO F 179 -6.86 -9.91 9.91
CA PRO F 179 -6.81 -11.12 10.74
C PRO F 179 -7.37 -12.33 10.01
N TYR F 180 -6.81 -13.50 10.31
CA TYR F 180 -7.24 -14.77 9.73
C TYR F 180 -7.42 -15.77 10.86
N ARG F 181 -8.54 -16.49 10.88
CA ARG F 181 -8.77 -17.49 11.91
C ARG F 181 -8.23 -18.83 11.38
N VAL F 182 -7.42 -19.51 12.18
CA VAL F 182 -6.78 -20.74 11.74
C VAL F 182 -7.24 -21.98 12.51
N VAL F 183 -7.68 -23.00 11.77
CA VAL F 183 -8.08 -24.29 12.34
C VAL F 183 -7.09 -25.34 11.81
N VAL F 184 -6.20 -25.84 12.70
CA VAL F 184 -5.21 -26.85 12.36
C VAL F 184 -5.65 -28.21 12.91
N LEU F 185 -5.83 -29.20 12.03
CA LEU F 185 -6.27 -30.53 12.46
C LEU F 185 -5.14 -31.54 12.48
N SER F 186 -4.63 -31.87 13.69
CA SER F 186 -3.55 -32.86 13.85
C SER F 186 -4.12 -34.23 14.18
N PHE F 187 -3.99 -35.20 13.25
CA PHE F 187 -4.52 -36.55 13.45
C PHE F 187 -3.49 -37.52 14.05
N GLU F 188 -3.87 -38.17 15.15
CA GLU F 188 -3.04 -39.13 15.86
C GLU F 188 -3.48 -40.57 15.60
N LEU F 189 -2.53 -41.43 15.18
CA LEU F 189 -2.76 -42.86 14.93
C LEU F 189 -1.90 -43.66 15.91
N LEU F 190 -2.40 -43.84 17.15
CA LEU F 190 -1.67 -44.56 18.20
C LEU F 190 -1.86 -46.08 18.13
N HIS F 191 -0.98 -46.86 18.78
CA HIS F 191 -1.10 -48.31 18.81
C HIS F 191 -2.07 -48.79 19.91
N ALA F 192 -3.24 -48.13 20.05
CA ALA F 192 -4.28 -48.47 21.04
C ALA F 192 -5.64 -47.84 20.68
C1 NAG G . -1.58 -30.21 -11.72
C2 NAG G . -2.57 -31.21 -11.14
C3 NAG G . -2.23 -31.31 -9.65
C4 NAG G . -0.78 -31.79 -9.47
C5 NAG G . 0.18 -30.92 -10.26
C6 NAG G . 1.59 -31.47 -10.33
C7 NAG G . -4.93 -31.53 -11.74
C8 NAG G . -6.27 -30.87 -11.88
N2 NAG G . -3.93 -30.74 -11.32
O3 NAG G . -3.13 -32.21 -9.01
O4 NAG G . -0.42 -31.72 -8.09
O5 NAG G . -0.27 -30.78 -11.63
O6 NAG G . 2.45 -30.68 -11.13
O7 NAG G . -4.76 -32.71 -11.99
#